data_6KK7
#
_entry.id   6KK7
#
_cell.length_a   65.230
_cell.length_b   71.060
_cell.length_c   81.000
_cell.angle_alpha   92.48
_cell.angle_beta   92.61
_cell.angle_gamma   105.10
#
_symmetry.space_group_name_H-M   'P 1'
#
loop_
_entity.id
_entity.type
_entity.pdbx_description
1 polymer 'Glucagon-like peptide 1 receptor,Endolysin,Glucagon-like peptide 1 receptor'
2 non-polymer N-{4-[(R)-(3,3-dimethylcyclobutyl)({6-[4-(trifluoromethyl)-1H-imidazol-1-yl]pyridin-3-yl}amino)methyl]benzene-1-carbonyl}-beta-alanine
#
_entity_poly.entity_id   1
_entity_poly.type   'polypeptide(L)'
_entity_poly.pdbx_seq_one_letter_code
;SESKRGERSSPEEQLLFLYIIYTVGYALSFSALVIASAILLGFRHLHCTRNYIHLNLFASFILRALSVFIKDAALKWMGS
GDGLLSYQDSLACRLVFLLMQYCVAANYYWLLVEGVYLYTLLAFNIFEMLRIDEGLRLKIYKDTEGYYTIGIGHLLTKSP
SLNAAKSELDKAIGRNTNGVITKDEAEKLFNQDVDAAVRGILRNAKLKPVYDSLDAVRRAALINMVFQMGETGVAGFTNS
LRMLQQKRWDEAAVNLAKSRWYNQTPNRAKRVITTFRTGTWDAYSEQWIFRLYVSIGWGVPLLFVVPWGIVKYLYEDEGC
WTRNSNMNYWLIIRLPILFACIVNFLIFVRVICIVVSKLKANLMCKTDIAFRLAKSTLTLIPLLCTHEVIFAFVMDEHAR
GTLRFIKLFTELSFTSFQGLMVAILYCFVNNEVQLEFRKSWERWRLEHLHIQRDS
;
_entity_poly.pdbx_strand_id   A,B
#
loop_
_chem_comp.id
_chem_comp.type
_chem_comp.name
_chem_comp.formula
97Y non-polymer N-{4-[(R)-(3,3-dimethylcyclobutyl)({6-[4-(trifluoromethyl)-1H-imidazol-1-yl]pyridin-3-yl}amino)methyl]benzene-1-carbonyl}-beta-alanine 'C26 H28 F3 N5 O3'
#
# COMPACT_ATOMS: atom_id res chain seq x y z
N SER A 10 -30.99 8.45 5.60
CA SER A 10 -31.56 9.04 4.40
C SER A 10 -30.55 9.03 3.27
N PRO A 11 -31.02 8.81 2.04
CA PRO A 11 -30.08 8.86 0.90
C PRO A 11 -29.61 10.29 0.61
N GLU A 12 -30.54 11.25 0.56
CA GLU A 12 -30.20 12.63 0.24
C GLU A 12 -29.31 13.23 1.32
N GLU A 13 -29.59 12.89 2.60
CA GLU A 13 -28.80 13.44 3.71
C GLU A 13 -27.35 12.95 3.71
N GLN A 14 -27.16 11.64 3.46
CA GLN A 14 -25.81 11.10 3.33
C GLN A 14 -25.02 11.82 2.24
N LEU A 15 -25.60 11.90 1.01
CA LEU A 15 -24.86 12.54 -0.08
C LEU A 15 -24.56 14.00 0.22
N LEU A 16 -25.37 14.67 1.04
CA LEU A 16 -25.07 16.08 1.28
C LEU A 16 -23.98 16.28 2.32
N PHE A 17 -23.96 15.39 3.32
CA PHE A 17 -23.01 15.52 4.42
C PHE A 17 -21.57 15.22 3.98
N LEU A 18 -21.40 14.19 3.15
CA LEU A 18 -20.05 13.99 2.58
C LEU A 18 -19.59 15.21 1.78
N TYR A 19 -20.51 15.89 1.06
CA TYR A 19 -20.14 17.10 0.31
C TYR A 19 -19.65 18.18 1.26
N ILE A 20 -20.31 18.34 2.40
CA ILE A 20 -19.84 19.34 3.35
C ILE A 20 -18.41 19.06 3.78
N ILE A 21 -18.15 17.80 4.17
CA ILE A 21 -16.79 17.55 4.66
C ILE A 21 -15.77 17.76 3.54
N TYR A 22 -16.12 17.46 2.29
CA TYR A 22 -15.18 17.61 1.19
C TYR A 22 -14.84 19.08 0.93
N THR A 23 -15.87 19.93 0.85
CA THR A 23 -15.59 21.33 0.58
C THR A 23 -14.90 22.01 1.75
N VAL A 24 -15.27 21.70 3.00
CA VAL A 24 -14.55 22.32 4.08
C VAL A 24 -13.16 21.73 4.19
N GLY A 25 -12.95 20.49 3.70
CA GLY A 25 -11.61 19.96 3.61
C GLY A 25 -10.73 20.82 2.73
N TYR A 26 -11.22 21.11 1.52
CA TYR A 26 -10.47 21.99 0.61
C TYR A 26 -10.48 23.45 1.05
N ALA A 27 -11.51 23.92 1.75
CA ALA A 27 -11.48 25.29 2.27
C ALA A 27 -10.37 25.44 3.29
N LEU A 28 -10.33 24.53 4.27
CA LEU A 28 -9.27 24.55 5.27
C LEU A 28 -7.91 24.30 4.64
N SER A 29 -7.81 23.35 3.70
CA SER A 29 -6.57 23.10 2.97
C SER A 29 -6.06 24.39 2.34
N PHE A 30 -6.88 24.98 1.45
CA PHE A 30 -6.49 26.18 0.75
C PHE A 30 -6.01 27.25 1.72
N SER A 31 -6.89 27.62 2.67
CA SER A 31 -6.53 28.67 3.62
C SER A 31 -5.17 28.38 4.24
N ALA A 32 -4.97 27.14 4.72
CA ALA A 32 -3.75 26.82 5.46
C ALA A 32 -2.52 26.87 4.55
N LEU A 33 -2.63 26.35 3.33
CA LEU A 33 -1.52 26.29 2.37
C LEU A 33 -1.12 27.68 1.88
N VAL A 34 -2.09 28.58 1.77
CA VAL A 34 -1.76 29.95 1.43
C VAL A 34 -1.04 30.62 2.58
N ILE A 35 -1.56 30.45 3.79
CA ILE A 35 -0.88 31.00 4.96
C ILE A 35 0.55 30.47 5.04
N ALA A 36 0.72 29.15 4.84
CA ALA A 36 2.03 28.51 4.93
C ALA A 36 2.97 29.05 3.86
N SER A 37 2.54 29.04 2.61
CA SER A 37 3.37 29.62 1.57
C SER A 37 3.72 31.08 1.88
N ALA A 38 2.75 31.83 2.47
CA ALA A 38 2.99 33.22 2.86
C ALA A 38 4.13 33.31 3.85
N ILE A 39 4.14 32.36 4.79
CA ILE A 39 5.18 32.32 5.80
C ILE A 39 6.52 31.99 5.16
N LEU A 40 6.57 30.94 4.35
CA LEU A 40 7.83 30.59 3.69
C LEU A 40 8.36 31.76 2.89
N LEU A 41 7.46 32.56 2.27
CA LEU A 41 7.91 33.65 1.40
C LEU A 41 8.26 34.91 2.16
N GLY A 42 7.52 35.24 3.23
CA GLY A 42 7.73 36.47 3.96
C GLY A 42 9.02 36.51 4.77
N PHE A 43 9.34 35.43 5.48
CA PHE A 43 10.51 35.44 6.33
C PHE A 43 11.73 35.13 5.49
N ARG A 44 12.73 36.01 5.53
CA ARG A 44 13.88 35.88 4.64
C ARG A 44 14.66 34.61 4.94
N HIS A 45 14.71 34.22 6.21
CA HIS A 45 15.59 33.12 6.59
C HIS A 45 15.12 31.79 6.03
N LEU A 46 13.88 31.74 5.55
CA LEU A 46 13.28 30.49 5.09
C LEU A 46 13.52 30.27 3.60
N HIS A 47 14.38 31.10 2.97
CA HIS A 47 14.57 31.07 1.51
C HIS A 47 15.64 30.02 1.15
N CYS A 48 15.26 28.74 1.15
CA CYS A 48 16.17 27.69 0.71
C CYS A 48 15.46 26.70 -0.23
N THR A 49 16.27 25.87 -0.91
CA THR A 49 15.78 24.98 -1.96
C THR A 49 14.68 24.05 -1.46
N ARG A 50 14.89 23.45 -0.28
CA ARG A 50 13.86 22.62 0.33
C ARG A 50 12.50 23.35 0.33
N ASN A 51 12.48 24.55 0.91
CA ASN A 51 11.21 25.22 1.07
C ASN A 51 10.71 25.70 -0.28
N TYR A 52 11.61 25.91 -1.27
CA TYR A 52 11.13 26.32 -2.60
C TYR A 52 10.37 25.18 -3.28
N ILE A 53 10.90 23.95 -3.11
CA ILE A 53 10.22 22.71 -3.53
C ILE A 53 8.87 22.59 -2.85
N HIS A 54 8.81 22.91 -1.56
CA HIS A 54 7.54 22.91 -0.85
C HIS A 54 6.57 23.90 -1.45
N LEU A 55 7.06 25.08 -1.82
CA LEU A 55 6.17 26.10 -2.38
C LEU A 55 5.61 25.63 -3.71
N ASN A 56 6.42 24.93 -4.51
CA ASN A 56 5.89 24.24 -5.67
C ASN A 56 4.86 23.18 -5.30
N LEU A 57 5.12 22.37 -4.25
CA LEU A 57 4.14 21.38 -3.85
C LEU A 57 2.83 22.08 -3.43
N PHE A 58 2.95 23.09 -2.55
CA PHE A 58 1.80 23.86 -2.09
C PHE A 58 1.03 24.40 -3.26
N ALA A 59 1.73 24.99 -4.22
CA ALA A 59 1.09 25.41 -5.45
C ALA A 59 0.27 24.29 -6.05
N SER A 60 0.85 23.10 -6.19
CA SER A 60 0.07 22.05 -6.85
C SER A 60 -1.21 21.75 -6.04
N PHE A 61 -1.11 21.81 -4.71
CA PHE A 61 -2.30 21.61 -3.88
C PHE A 61 -3.27 22.78 -3.91
N ILE A 62 -2.77 24.01 -3.90
CA ILE A 62 -3.63 25.19 -4.01
C ILE A 62 -4.38 25.17 -5.32
N LEU A 63 -3.67 24.93 -6.42
CA LEU A 63 -4.28 24.91 -7.73
C LEU A 63 -5.30 23.79 -7.84
N ARG A 64 -4.99 22.61 -7.25
CA ARG A 64 -6.02 21.60 -7.18
C ARG A 64 -7.25 22.18 -6.47
N ALA A 65 -7.04 22.89 -5.34
CA ALA A 65 -8.16 23.47 -4.60
C ALA A 65 -8.95 24.45 -5.45
N LEU A 66 -8.25 25.31 -6.18
CA LEU A 66 -8.92 26.23 -7.08
C LEU A 66 -9.84 25.49 -8.04
N SER A 67 -9.34 24.40 -8.64
CA SER A 67 -10.17 23.61 -9.53
C SER A 67 -11.42 23.14 -8.80
N VAL A 68 -11.26 22.69 -7.56
CA VAL A 68 -12.42 22.24 -6.79
C VAL A 68 -13.44 23.37 -6.65
N PHE A 69 -12.98 24.57 -6.27
CA PHE A 69 -13.90 25.68 -6.03
C PHE A 69 -14.53 26.21 -7.32
N ILE A 70 -13.78 26.19 -8.41
CA ILE A 70 -14.30 26.64 -9.70
C ILE A 70 -15.42 25.73 -10.16
N LYS A 71 -15.15 24.42 -10.16
CA LYS A 71 -16.16 23.47 -10.56
C LYS A 71 -17.41 23.72 -9.75
N ASP A 72 -17.24 23.99 -8.44
CA ASP A 72 -18.40 24.20 -7.59
C ASP A 72 -19.16 25.48 -7.96
N ALA A 73 -18.46 26.58 -8.22
CA ALA A 73 -19.15 27.82 -8.56
C ALA A 73 -19.88 27.70 -9.90
N ALA A 74 -19.37 26.87 -10.80
CA ALA A 74 -19.98 26.72 -12.12
C ALA A 74 -21.30 25.98 -12.07
N LEU A 75 -21.61 25.32 -10.96
CA LEU A 75 -22.91 24.70 -10.83
C LEU A 75 -24.01 25.76 -10.85
N LYS A 76 -23.67 26.98 -10.45
CA LYS A 76 -24.59 28.10 -10.43
C LYS A 76 -24.88 28.53 -11.87
N TRP A 77 -26.05 28.10 -12.36
CA TRP A 77 -26.47 28.29 -13.75
C TRP A 77 -25.36 27.85 -14.70
N LEU A 85 -27.82 24.83 -22.23
CA LEU A 85 -26.97 23.65 -22.24
C LEU A 85 -26.22 23.47 -20.90
N SER A 86 -26.21 22.24 -20.40
CA SER A 86 -25.78 21.93 -19.04
C SER A 86 -24.27 22.08 -18.89
N TYR A 87 -23.82 22.01 -17.63
CA TYR A 87 -22.40 22.18 -17.30
C TYR A 87 -21.55 20.99 -17.72
N GLN A 88 -22.07 19.77 -17.57
CA GLN A 88 -21.35 18.58 -18.03
C GLN A 88 -21.13 18.61 -19.54
N ASP A 89 -22.02 19.25 -20.31
CA ASP A 89 -21.84 19.36 -21.77
C ASP A 89 -20.87 20.46 -22.17
N SER A 90 -20.61 21.42 -21.28
CA SER A 90 -19.78 22.56 -21.63
C SER A 90 -18.32 22.15 -21.74
N LEU A 91 -17.56 22.94 -22.52
CA LEU A 91 -16.12 22.71 -22.68
C LEU A 91 -15.32 23.31 -21.52
N ALA A 92 -15.85 24.34 -20.87
CA ALA A 92 -15.16 24.95 -19.73
C ALA A 92 -14.95 23.94 -18.60
N CYS A 93 -15.95 23.08 -18.34
CA CYS A 93 -15.78 21.98 -17.38
C CYS A 93 -14.65 21.05 -17.76
N ARG A 94 -14.64 20.58 -19.01
CA ARG A 94 -13.59 19.66 -19.42
C ARG A 94 -12.23 20.29 -19.18
N LEU A 95 -12.13 21.63 -19.38
CA LEU A 95 -10.87 22.33 -19.14
C LEU A 95 -10.48 22.34 -17.67
N VAL A 96 -11.44 22.63 -16.77
CA VAL A 96 -11.14 22.67 -15.34
C VAL A 96 -10.76 21.28 -14.82
N PHE A 97 -11.36 20.25 -15.40
CA PHE A 97 -10.99 18.88 -15.03
C PHE A 97 -9.60 18.54 -15.52
N LEU A 98 -9.19 19.06 -16.68
CA LEU A 98 -7.83 18.82 -17.16
C LEU A 98 -6.81 19.55 -16.29
N LEU A 99 -7.17 20.74 -15.80
CA LEU A 99 -6.29 21.44 -14.89
C LEU A 99 -6.15 20.68 -13.59
N MET A 100 -7.27 20.10 -13.11
CA MET A 100 -7.23 19.36 -11.87
C MET A 100 -6.42 18.08 -12.02
N GLN A 101 -6.63 17.32 -13.09
CA GLN A 101 -5.79 16.14 -13.35
C GLN A 101 -4.32 16.52 -13.47
N TYR A 102 -4.01 17.68 -14.05
CA TYR A 102 -2.63 18.13 -14.08
C TYR A 102 -2.12 18.36 -12.67
N CYS A 103 -2.91 19.05 -11.82
CA CYS A 103 -2.47 19.24 -10.44
C CYS A 103 -2.24 17.92 -9.76
N VAL A 104 -3.08 16.92 -10.04
CA VAL A 104 -2.97 15.66 -9.31
C VAL A 104 -1.67 14.96 -9.65
N ALA A 105 -1.33 14.91 -10.94
CA ALA A 105 -0.04 14.40 -11.34
C ALA A 105 1.12 15.33 -10.88
N ALA A 106 0.85 16.65 -10.74
CA ALA A 106 1.85 17.54 -10.16
C ALA A 106 2.05 17.22 -8.70
N ASN A 107 0.98 16.93 -7.98
CA ASN A 107 1.08 16.50 -6.59
C ASN A 107 1.95 15.28 -6.52
N TYR A 108 1.59 14.22 -7.26
CA TYR A 108 2.39 13.00 -7.24
C TYR A 108 3.79 13.15 -7.83
N TYR A 109 4.05 14.10 -8.71
CA TYR A 109 5.44 14.21 -9.12
C TYR A 109 6.29 15.17 -8.29
N TRP A 110 5.75 16.28 -7.81
CA TRP A 110 6.45 17.06 -6.80
C TRP A 110 6.63 16.25 -5.55
N LEU A 111 5.78 15.25 -5.31
CA LEU A 111 6.09 14.25 -4.30
C LEU A 111 7.21 13.33 -4.75
N LEU A 112 7.30 12.97 -6.04
CA LEU A 112 8.46 12.18 -6.47
C LEU A 112 9.74 12.99 -6.27
N VAL A 113 9.72 14.29 -6.55
CA VAL A 113 10.94 15.05 -6.35
C VAL A 113 11.11 15.34 -4.88
N GLU A 114 10.01 15.32 -4.11
CA GLU A 114 10.14 15.47 -2.67
C GLU A 114 10.89 14.27 -2.09
N GLY A 115 10.65 13.11 -2.70
CA GLY A 115 11.30 11.87 -2.35
C GLY A 115 12.74 11.84 -2.81
N VAL A 116 12.98 12.25 -4.06
CA VAL A 116 14.35 12.31 -4.60
C VAL A 116 15.21 13.30 -3.81
N TYR A 117 14.71 14.51 -3.58
CA TYR A 117 15.44 15.48 -2.78
C TYR A 117 15.82 14.90 -1.43
N LEU A 118 14.86 14.22 -0.77
CA LEU A 118 15.18 13.62 0.52
C LEU A 118 16.30 12.58 0.41
N TYR A 119 16.25 11.77 -0.66
CA TYR A 119 17.25 10.71 -0.81
C TYR A 119 18.66 11.28 -0.94
N THR A 120 18.82 12.23 -1.87
CA THR A 120 20.11 12.86 -2.08
C THR A 120 20.57 13.65 -0.86
N LEU A 121 19.65 14.35 -0.19
CA LEU A 121 19.96 15.02 1.07
C LEU A 121 20.57 14.05 2.08
N LEU A 122 20.09 12.80 2.09
CA LEU A 122 20.72 11.79 2.94
C LEU A 122 22.05 11.32 2.37
N ALA A 123 22.24 11.45 1.05
CA ALA A 123 23.44 10.94 0.38
C ALA A 123 24.60 11.96 0.36
N PHE A 124 24.31 13.24 0.41
CA PHE A 124 25.34 14.25 0.53
C PHE A 124 25.76 14.32 1.98
N ASN A 125 27.06 14.38 2.22
CA ASN A 125 27.66 14.46 3.55
C ASN A 125 28.93 15.29 3.43
N ILE A 126 29.79 15.21 4.44
CA ILE A 126 31.06 15.94 4.39
C ILE A 126 31.96 15.36 3.30
N PHE A 127 31.95 14.02 3.12
CA PHE A 127 32.78 13.35 2.11
C PHE A 127 32.53 13.83 0.71
N GLU A 128 31.29 14.25 0.42
CA GLU A 128 30.93 14.76 -0.89
C GLU A 128 31.20 16.26 -1.02
N MET A 129 31.04 17.02 0.09
CA MET A 129 31.46 18.42 0.17
C MET A 129 32.97 18.58 -0.08
N LEU A 130 33.79 17.80 0.63
CA LEU A 130 35.24 17.99 0.48
C LEU A 130 35.78 17.44 -0.83
N ARG A 131 35.15 16.42 -1.42
CA ARG A 131 35.53 15.99 -2.78
C ARG A 131 35.28 17.10 -3.82
N ILE A 132 34.26 17.94 -3.59
CA ILE A 132 33.98 19.08 -4.46
C ILE A 132 34.98 20.19 -4.24
N ASP A 133 35.21 20.59 -2.98
CA ASP A 133 36.13 21.67 -2.71
C ASP A 133 37.58 21.31 -3.02
N GLU A 134 38.03 20.16 -2.57
CA GLU A 134 39.47 19.91 -2.56
C GLU A 134 39.99 19.32 -3.87
N GLY A 135 39.12 18.78 -4.70
CA GLY A 135 39.56 18.26 -5.97
C GLY A 135 40.15 16.88 -5.79
N LEU A 136 40.74 16.36 -6.86
CA LEU A 136 41.40 15.07 -6.80
C LEU A 136 42.67 15.13 -7.63
N ARG A 137 43.74 14.58 -7.08
CA ARG A 137 45.02 14.49 -7.76
C ARG A 137 45.45 13.03 -7.82
N LEU A 138 46.05 12.65 -8.95
CA LEU A 138 46.65 11.33 -9.09
C LEU A 138 48.15 11.33 -8.77
N LYS A 139 48.87 12.38 -9.20
CA LYS A 139 50.30 12.55 -8.99
C LYS A 139 50.57 13.67 -7.99
N ILE A 140 51.76 13.60 -7.38
CA ILE A 140 52.13 14.58 -6.36
C ILE A 140 52.37 15.92 -7.04
N TYR A 141 51.88 17.00 -6.42
CA TYR A 141 52.01 18.37 -6.94
C TYR A 141 52.51 19.34 -5.88
N LYS A 142 53.37 20.28 -6.30
CA LYS A 142 54.00 21.29 -5.44
C LYS A 142 53.13 22.56 -5.41
N ASP A 143 52.26 22.69 -4.41
CA ASP A 143 51.26 23.77 -4.34
C ASP A 143 51.92 25.12 -4.00
N THR A 144 51.11 26.18 -4.19
CA THR A 144 51.60 27.56 -4.20
C THR A 144 52.32 27.93 -2.91
N GLU A 145 51.85 27.37 -1.79
CA GLU A 145 52.38 27.75 -0.51
C GLU A 145 53.71 27.04 -0.25
N GLY A 146 53.93 25.93 -0.95
CA GLY A 146 55.11 25.10 -0.80
C GLY A 146 54.81 23.68 -0.40
N TYR A 147 53.54 23.31 -0.18
CA TYR A 147 53.18 21.98 0.30
C TYR A 147 52.95 21.07 -0.89
N TYR A 148 53.39 19.83 -0.76
CA TYR A 148 53.12 18.82 -1.77
C TYR A 148 51.82 18.14 -1.40
N THR A 149 50.89 18.15 -2.34
CA THR A 149 49.57 17.60 -2.14
C THR A 149 49.32 16.49 -3.16
N ILE A 150 48.35 15.64 -2.83
CA ILE A 150 47.92 14.51 -3.65
C ILE A 150 46.61 14.01 -3.07
N GLY A 151 45.84 13.26 -3.89
CA GLY A 151 44.56 12.68 -3.45
C GLY A 151 43.51 13.76 -3.32
N ILE A 152 42.71 13.69 -2.26
CA ILE A 152 41.72 14.74 -1.97
C ILE A 152 42.24 15.57 -0.79
N GLY A 153 42.82 16.72 -1.11
CA GLY A 153 43.27 17.71 -0.15
C GLY A 153 44.34 17.27 0.85
N HIS A 154 45.16 16.29 0.49
CA HIS A 154 46.05 15.67 1.47
C HIS A 154 47.44 16.26 1.34
N LEU A 155 47.71 17.25 2.17
CA LEU A 155 48.99 17.93 2.17
C LEU A 155 50.01 17.04 2.85
N LEU A 156 51.21 16.95 2.28
CA LEU A 156 52.14 16.03 2.91
C LEU A 156 53.09 16.71 3.88
N THR A 157 54.07 17.44 3.37
CA THR A 157 54.98 18.25 4.17
C THR A 157 55.39 19.43 3.30
N LYS A 158 55.67 20.55 3.94
CA LYS A 158 56.11 21.73 3.22
C LYS A 158 57.56 21.64 2.77
N SER A 159 58.33 20.68 3.28
CA SER A 159 59.73 20.46 2.95
C SER A 159 59.95 20.42 1.45
N PRO A 160 60.71 21.38 0.86
CA PRO A 160 60.87 21.47 -0.62
C PRO A 160 61.72 20.34 -1.22
N SER A 161 61.13 19.15 -1.31
CA SER A 161 61.88 17.96 -1.74
C SER A 161 60.87 16.95 -2.26
N LEU A 162 60.85 16.72 -3.58
CA LEU A 162 59.87 15.79 -4.16
C LEU A 162 60.21 14.35 -3.82
N ASN A 163 61.51 14.05 -3.74
CA ASN A 163 61.97 12.71 -3.39
C ASN A 163 61.42 12.32 -2.03
N ALA A 164 61.62 13.20 -1.04
CA ALA A 164 61.15 12.98 0.33
C ALA A 164 59.63 13.07 0.45
N ALA A 165 58.95 13.87 -0.39
CA ALA A 165 57.49 13.84 -0.35
C ALA A 165 56.96 12.49 -0.84
N LYS A 166 57.56 11.95 -1.91
CA LYS A 166 57.14 10.64 -2.38
C LYS A 166 57.38 9.57 -1.33
N SER A 167 58.52 9.65 -0.62
CA SER A 167 58.75 8.68 0.44
C SER A 167 57.73 8.85 1.58
N GLU A 168 57.49 10.12 1.97
CA GLU A 168 56.58 10.46 3.06
C GLU A 168 55.18 10.00 2.76
N LEU A 169 54.86 9.95 1.48
CA LEU A 169 53.61 9.37 1.02
C LEU A 169 53.65 7.84 1.01
N ASP A 170 54.82 7.26 0.71
CA ASP A 170 54.92 5.80 0.67
C ASP A 170 54.66 5.19 2.04
N LYS A 171 55.18 5.81 3.11
CA LYS A 171 54.90 5.27 4.44
C LYS A 171 53.41 5.46 4.78
N ALA A 172 52.80 6.53 4.28
CA ALA A 172 51.40 6.83 4.55
C ALA A 172 50.45 6.06 3.66
N ILE A 173 50.96 5.22 2.77
CA ILE A 173 50.11 4.46 1.86
C ILE A 173 50.45 2.98 1.96
N GLY A 174 51.63 2.68 2.44
CA GLY A 174 52.12 1.31 2.51
C GLY A 174 53.01 0.91 1.36
N ARG A 175 52.50 0.70 0.16
CA ARG A 175 53.39 0.23 -0.89
C ARG A 175 54.20 1.41 -1.45
N ASN A 176 55.08 1.12 -2.41
CA ASN A 176 55.89 2.16 -3.02
C ASN A 176 55.06 3.00 -3.98
N THR A 177 55.21 4.32 -3.87
CA THR A 177 54.31 5.24 -4.56
C THR A 177 54.67 5.40 -6.03
N ASN A 178 55.95 5.71 -6.30
CA ASN A 178 56.45 6.00 -7.64
C ASN A 178 55.99 7.39 -8.09
N GLY A 179 54.90 7.88 -7.50
CA GLY A 179 54.37 9.16 -7.89
C GLY A 179 52.89 9.10 -8.26
N VAL A 180 52.48 8.02 -8.91
CA VAL A 180 51.07 7.85 -9.28
C VAL A 180 50.39 6.98 -8.23
N ILE A 181 49.22 7.42 -7.78
CA ILE A 181 48.44 6.76 -6.72
C ILE A 181 47.02 6.56 -7.21
N THR A 182 46.49 5.36 -7.01
CA THR A 182 45.19 4.94 -7.54
C THR A 182 44.02 5.60 -6.77
N LYS A 183 42.83 5.54 -7.41
CA LYS A 183 41.64 6.20 -6.87
C LYS A 183 41.23 5.64 -5.51
N ASP A 184 41.41 4.33 -5.33
CA ASP A 184 40.99 3.68 -4.09
C ASP A 184 41.91 4.02 -2.92
N GLU A 185 43.20 4.15 -3.23
CA GLU A 185 44.17 4.58 -2.23
C GLU A 185 43.88 6.01 -1.78
N ALA A 186 43.51 6.89 -2.71
CA ALA A 186 43.16 8.26 -2.35
C ALA A 186 41.92 8.30 -1.47
N GLU A 187 40.89 7.50 -1.79
CA GLU A 187 39.68 7.49 -0.96
C GLU A 187 39.98 6.99 0.45
N LYS A 188 40.87 5.99 0.56
CA LYS A 188 41.34 5.54 1.86
C LYS A 188 42.00 6.69 2.64
N LEU A 189 42.97 7.40 2.02
CA LEU A 189 43.65 8.49 2.73
C LEU A 189 42.69 9.63 3.07
N PHE A 190 41.65 9.81 2.23
CA PHE A 190 40.64 10.86 2.39
C PHE A 190 39.77 10.59 3.62
N ASN A 191 39.31 9.35 3.75
CA ASN A 191 38.68 8.90 4.97
C ASN A 191 39.57 9.18 6.18
N GLN A 192 40.87 8.88 6.04
CA GLN A 192 41.79 9.10 7.17
C GLN A 192 41.79 10.57 7.58
N ASP A 193 41.89 11.46 6.60
CA ASP A 193 41.95 12.88 6.90
C ASP A 193 40.66 13.34 7.57
N VAL A 194 39.53 12.80 7.14
CA VAL A 194 38.27 13.31 7.68
C VAL A 194 38.05 12.84 9.13
N ASP A 195 38.39 11.57 9.42
CA ASP A 195 38.39 11.13 10.81
C ASP A 195 39.31 12.00 11.65
N ALA A 196 40.47 12.35 11.09
CA ALA A 196 41.37 13.24 11.81
C ALA A 196 40.77 14.61 12.03
N ALA A 197 39.91 15.07 11.12
CA ALA A 197 39.37 16.41 11.24
C ALA A 197 38.32 16.46 12.32
N VAL A 198 37.53 15.40 12.42
CA VAL A 198 36.48 15.43 13.44
C VAL A 198 37.11 15.20 14.82
N ARG A 199 38.10 14.29 14.90
CA ARG A 199 38.82 14.15 16.17
C ARG A 199 39.48 15.48 16.55
N GLY A 200 39.95 16.25 15.57
CA GLY A 200 40.60 17.52 15.87
C GLY A 200 39.63 18.53 16.43
N ILE A 201 38.41 18.56 15.90
CA ILE A 201 37.36 19.40 16.46
C ILE A 201 37.06 19.02 17.88
N LEU A 202 36.81 17.72 18.12
CA LEU A 202 36.37 17.23 19.43
C LEU A 202 37.50 17.28 20.47
N ARG A 203 38.75 17.22 20.02
CA ARG A 203 39.91 17.47 20.89
C ARG A 203 40.20 18.94 21.06
N ASN A 204 39.35 19.82 20.53
CA ASN A 204 39.54 21.27 20.59
C ASN A 204 38.51 21.91 21.50
N ALA A 205 38.99 22.61 22.54
CA ALA A 205 38.15 23.11 23.61
C ALA A 205 37.19 24.19 23.14
N LYS A 206 37.55 24.91 22.06
CA LYS A 206 36.73 25.97 21.49
C LYS A 206 35.83 25.49 20.35
N LEU A 207 36.13 24.32 19.80
CA LEU A 207 35.38 23.83 18.66
C LEU A 207 34.33 22.79 19.03
N LYS A 208 34.59 22.00 20.11
CA LYS A 208 33.67 20.96 20.54
C LYS A 208 32.32 21.50 21.03
N PRO A 209 32.23 22.50 21.93
CA PRO A 209 30.90 23.00 22.30
C PRO A 209 30.11 23.54 21.13
N VAL A 210 30.74 24.37 20.30
CA VAL A 210 30.01 24.82 19.14
C VAL A 210 29.70 23.65 18.20
N TYR A 211 30.63 22.72 17.97
CA TYR A 211 30.32 21.60 17.07
C TYR A 211 29.15 20.76 17.61
N ASP A 212 29.08 20.57 18.92
CA ASP A 212 28.03 19.78 19.55
C ASP A 212 26.73 20.54 19.63
N SER A 213 26.77 21.86 19.53
CA SER A 213 25.56 22.63 19.39
C SER A 213 25.10 22.79 17.93
N LEU A 214 25.95 22.50 16.94
CA LEU A 214 25.55 22.59 15.55
C LEU A 214 24.84 21.30 15.11
N ASP A 215 23.90 21.48 14.18
CA ASP A 215 23.22 20.44 13.39
C ASP A 215 24.18 19.81 12.38
N ALA A 216 23.82 18.64 11.84
CA ALA A 216 24.78 17.92 10.98
C ALA A 216 25.31 18.79 9.83
N VAL A 217 24.47 19.63 9.24
CA VAL A 217 24.94 20.36 8.08
C VAL A 217 26.00 21.38 8.50
N ARG A 218 25.64 22.27 9.41
CA ARG A 218 26.61 23.25 9.89
C ARG A 218 27.81 22.55 10.52
N ARG A 219 27.59 21.33 11.06
CA ARG A 219 28.71 20.49 11.48
C ARG A 219 29.68 20.24 10.32
N ALA A 220 29.16 19.75 9.17
CA ALA A 220 30.00 19.58 7.99
C ALA A 220 30.64 20.90 7.56
N ALA A 221 29.97 22.03 7.82
CA ALA A 221 30.56 23.32 7.46
C ALA A 221 31.79 23.59 8.27
N LEU A 222 31.76 23.17 9.55
CA LEU A 222 32.88 23.41 10.45
C LEU A 222 34.04 22.46 10.11
N ILE A 223 33.70 21.19 9.88
CA ILE A 223 34.65 20.18 9.41
C ILE A 223 35.39 20.65 8.19
N ASN A 224 34.68 21.32 7.27
CA ASN A 224 35.33 21.74 6.04
C ASN A 224 36.48 22.70 6.32
N MET A 225 36.22 23.74 7.15
CA MET A 225 37.24 24.73 7.47
C MET A 225 38.45 24.09 8.18
N VAL A 226 38.18 23.15 9.08
CA VAL A 226 39.25 22.38 9.69
C VAL A 226 40.08 21.65 8.64
N PHE A 227 39.41 21.06 7.64
CA PHE A 227 40.13 20.31 6.61
C PHE A 227 41.06 21.22 5.82
N GLN A 228 40.67 22.49 5.65
CA GLN A 228 41.49 23.40 4.87
C GLN A 228 42.60 24.05 5.72
N MET A 229 42.21 24.60 6.88
CA MET A 229 43.10 25.36 7.75
C MET A 229 43.74 24.43 8.80
N GLY A 230 42.91 23.81 9.63
CA GLY A 230 43.40 22.99 10.73
C GLY A 230 42.66 23.35 12.01
N GLU A 231 42.71 22.48 13.02
CA GLU A 231 41.95 22.71 14.26
C GLU A 231 42.38 24.01 14.94
N THR A 232 43.69 24.16 15.14
CA THR A 232 44.25 25.31 15.82
C THR A 232 44.05 26.62 15.05
N GLY A 233 43.91 26.55 13.72
CA GLY A 233 43.63 27.72 12.92
C GLY A 233 42.19 28.21 12.94
N VAL A 234 41.21 27.34 12.66
CA VAL A 234 39.84 27.84 12.70
C VAL A 234 39.45 28.18 14.11
N ALA A 235 40.13 27.62 15.13
CA ALA A 235 39.84 28.03 16.49
C ALA A 235 40.01 29.53 16.66
N GLY A 236 40.77 30.16 15.77
CA GLY A 236 41.05 31.57 15.91
C GLY A 236 39.86 32.46 15.72
N PHE A 237 38.81 31.94 15.11
CA PHE A 237 37.65 32.76 14.78
C PHE A 237 36.78 32.96 16.00
N THR A 238 37.38 33.49 17.05
CA THR A 238 36.66 33.63 18.32
C THR A 238 35.44 34.52 18.19
N ASN A 239 35.51 35.53 17.35
CA ASN A 239 34.36 36.42 17.23
C ASN A 239 33.17 35.68 16.66
N SER A 240 33.44 34.83 15.66
CA SER A 240 32.39 34.16 14.88
C SER A 240 31.84 32.96 15.61
N LEU A 241 32.72 32.15 16.22
CA LEU A 241 32.32 30.90 16.85
C LEU A 241 31.36 31.14 18.00
N ARG A 242 31.53 32.28 18.69
CA ARG A 242 30.62 32.62 19.78
C ARG A 242 29.21 32.86 19.29
N MET A 243 29.04 33.65 18.23
CA MET A 243 27.71 33.90 17.69
C MET A 243 27.15 32.72 16.90
N LEU A 244 28.00 31.80 16.43
CA LEU A 244 27.49 30.53 15.90
C LEU A 244 26.84 29.69 16.98
N GLN A 245 27.42 29.70 18.19
CA GLN A 245 26.84 28.90 19.28
C GLN A 245 25.53 29.54 19.80
N GLN A 246 25.44 30.87 19.73
CA GLN A 246 24.27 31.65 20.11
C GLN A 246 23.19 31.62 19.02
N LYS A 247 23.35 30.78 18.00
CA LYS A 247 22.38 30.52 16.95
C LYS A 247 22.12 31.74 16.06
N ARG A 248 22.91 32.81 16.18
CA ARG A 248 22.81 34.02 15.35
C ARG A 248 23.62 33.81 14.07
N TRP A 249 22.96 33.24 13.05
CA TRP A 249 23.69 32.82 11.85
C TRP A 249 24.09 34.01 10.99
N ASP A 250 23.17 34.96 10.83
CA ASP A 250 23.43 36.08 9.91
C ASP A 250 24.49 37.01 10.47
N GLU A 251 24.53 37.20 11.78
CA GLU A 251 25.54 38.09 12.33
C GLU A 251 26.92 37.50 12.21
N ALA A 252 27.03 36.18 12.26
CA ALA A 252 28.30 35.51 12.05
C ALA A 252 28.71 35.52 10.58
N ALA A 253 27.72 35.47 9.67
CA ALA A 253 28.05 35.38 8.25
C ALA A 253 28.85 36.60 7.82
N VAL A 254 28.36 37.80 8.15
CA VAL A 254 29.02 39.06 7.78
C VAL A 254 30.36 39.15 8.49
N ASN A 255 30.47 38.45 9.62
CA ASN A 255 31.68 38.53 10.42
C ASN A 255 32.78 37.68 9.80
N LEU A 256 32.40 36.53 9.23
CA LEU A 256 33.33 35.64 8.53
C LEU A 256 33.79 36.19 7.18
N ALA A 257 33.08 37.18 6.59
CA ALA A 257 33.59 37.80 5.37
C ALA A 257 34.77 38.70 5.66
N LYS A 258 34.85 39.25 6.86
CA LYS A 258 35.87 40.21 7.26
C LYS A 258 37.11 39.44 7.67
N SER A 259 37.36 38.28 7.06
CA SER A 259 38.42 37.39 7.50
C SER A 259 39.56 37.31 6.50
N ARG A 260 40.69 36.83 7.02
CA ARG A 260 41.82 36.48 6.15
C ARG A 260 41.44 35.31 5.27
N TRP A 261 40.67 34.38 5.83
CA TRP A 261 40.27 33.20 5.11
C TRP A 261 39.40 33.59 3.93
N TYR A 262 38.54 34.61 4.10
CA TYR A 262 37.65 35.00 3.02
C TYR A 262 38.42 35.69 1.91
N ASN A 263 39.44 36.48 2.24
CA ASN A 263 40.20 37.17 1.22
C ASN A 263 41.24 36.26 0.57
N GLN A 264 41.63 35.17 1.23
CA GLN A 264 42.63 34.27 0.66
C GLN A 264 42.00 33.34 -0.38
N THR A 265 40.97 32.60 0.02
CA THR A 265 40.22 31.71 -0.87
C THR A 265 38.72 32.04 -0.80
N PRO A 266 38.20 32.94 -1.65
CA PRO A 266 36.86 33.50 -1.41
C PRO A 266 35.71 32.65 -1.95
N ASN A 267 35.97 31.90 -3.02
CA ASN A 267 34.93 31.05 -3.59
C ASN A 267 34.63 29.88 -2.67
N ARG A 268 35.66 29.34 -2.00
CA ARG A 268 35.45 28.28 -1.02
C ARG A 268 34.77 28.85 0.22
N ALA A 269 35.26 30.01 0.67
CA ALA A 269 34.69 30.67 1.84
C ALA A 269 33.20 30.96 1.68
N LYS A 270 32.77 31.49 0.50
CA LYS A 270 31.36 31.87 0.32
C LYS A 270 30.43 30.68 0.49
N ARG A 271 30.79 29.53 -0.09
CA ARG A 271 30.06 28.27 0.06
C ARG A 271 29.94 27.86 1.52
N VAL A 272 31.05 27.94 2.26
CA VAL A 272 31.00 27.49 3.65
C VAL A 272 30.27 28.49 4.55
N ILE A 273 30.43 29.79 4.32
CA ILE A 273 29.68 30.75 5.12
C ILE A 273 28.19 30.62 4.84
N THR A 274 27.79 30.49 3.54
CA THR A 274 26.39 30.23 3.22
C THR A 274 25.88 29.00 3.96
N THR A 275 26.68 27.92 4.00
CA THR A 275 26.25 26.74 4.75
C THR A 275 26.11 27.03 6.24
N PHE A 276 26.92 27.91 6.81
CA PHE A 276 26.66 28.28 8.20
C PHE A 276 25.38 29.13 8.33
N ARG A 277 25.13 29.96 7.32
CA ARG A 277 24.10 31.00 7.42
C ARG A 277 22.72 30.39 7.23
N THR A 278 22.64 29.39 6.38
CA THR A 278 21.39 28.75 6.00
C THR A 278 21.14 27.42 6.70
N GLY A 279 22.15 26.57 6.78
CA GLY A 279 21.97 25.23 7.29
C GLY A 279 21.60 24.22 6.23
N THR A 280 21.85 24.54 4.96
CA THR A 280 21.53 23.66 3.86
C THR A 280 22.75 23.51 2.98
N TRP A 281 22.69 22.54 2.06
CA TRP A 281 23.79 22.31 1.14
C TRP A 281 23.75 23.20 -0.10
N ASP A 282 22.95 24.26 -0.08
CA ASP A 282 22.59 24.95 -1.31
C ASP A 282 23.80 25.54 -2.01
N ALA A 283 24.88 25.85 -1.27
CA ALA A 283 26.06 26.41 -1.91
C ALA A 283 26.96 25.35 -2.52
N TYR A 284 26.56 24.09 -2.49
CA TYR A 284 27.22 22.97 -3.15
C TYR A 284 26.26 22.33 -4.15
N SER A 285 25.15 23.03 -4.42
CA SER A 285 23.95 22.55 -5.09
C SER A 285 23.93 23.21 -6.46
N GLU A 286 24.22 22.41 -7.50
CA GLU A 286 24.20 22.90 -8.87
C GLU A 286 22.85 23.55 -9.21
N GLN A 287 22.90 24.73 -9.84
CA GLN A 287 21.70 25.50 -10.16
C GLN A 287 20.85 24.81 -11.21
N TRP A 288 21.38 23.85 -11.94
CA TRP A 288 20.63 23.20 -12.99
C TRP A 288 19.71 22.06 -12.48
N ILE A 289 20.03 21.50 -11.32
CA ILE A 289 19.21 20.45 -10.73
C ILE A 289 17.88 21.00 -10.25
N PHE A 290 17.91 22.14 -9.56
CA PHE A 290 16.66 22.72 -9.15
C PHE A 290 15.82 22.97 -10.36
N ARG A 291 16.45 23.36 -11.46
CA ARG A 291 15.71 23.40 -12.72
C ARG A 291 15.08 22.02 -12.98
N LEU A 292 15.88 20.99 -13.21
CA LEU A 292 15.39 19.65 -13.55
C LEU A 292 14.30 19.15 -12.58
N TYR A 293 14.28 19.63 -11.34
CA TYR A 293 13.18 19.29 -10.42
C TYR A 293 11.92 20.10 -10.73
N VAL A 294 12.02 21.42 -10.83
CA VAL A 294 10.87 22.21 -11.29
C VAL A 294 10.36 21.70 -12.68
N SER A 295 11.29 21.18 -13.52
CA SER A 295 11.00 20.47 -14.77
C SER A 295 10.29 19.12 -14.57
N ILE A 296 10.67 18.32 -13.55
CA ILE A 296 10.04 16.99 -13.37
C ILE A 296 8.73 17.09 -12.58
N GLY A 297 8.73 17.82 -11.47
CA GLY A 297 7.48 18.19 -10.79
C GLY A 297 6.41 18.79 -11.70
N TRP A 298 6.76 19.78 -12.53
CA TRP A 298 5.74 20.44 -13.34
C TRP A 298 5.78 20.05 -14.80
N GLY A 299 6.91 19.52 -15.28
CA GLY A 299 7.06 19.26 -16.71
C GLY A 299 6.51 17.92 -17.15
N VAL A 300 7.08 16.86 -16.58
CA VAL A 300 6.67 15.48 -16.84
C VAL A 300 5.19 15.23 -16.62
N PRO A 301 4.51 15.91 -15.67
CA PRO A 301 3.06 15.85 -15.68
C PRO A 301 2.56 16.18 -17.08
N LEU A 302 2.99 17.34 -17.57
CA LEU A 302 2.61 17.81 -18.89
C LEU A 302 2.93 16.80 -19.96
N LEU A 303 3.70 15.76 -19.67
CA LEU A 303 4.08 14.83 -20.73
C LEU A 303 3.11 13.67 -20.83
N PHE A 304 2.29 13.41 -19.80
CA PHE A 304 1.25 12.41 -19.95
C PHE A 304 -0.16 12.95 -19.66
N VAL A 305 -0.32 14.14 -19.07
CA VAL A 305 -1.68 14.70 -18.90
C VAL A 305 -2.23 15.23 -20.24
N VAL A 306 -1.42 15.93 -21.02
CA VAL A 306 -2.02 16.56 -22.20
C VAL A 306 -2.38 15.52 -23.26
N PRO A 307 -1.57 14.49 -23.57
CA PRO A 307 -2.03 13.52 -24.59
C PRO A 307 -3.28 12.69 -24.19
N TRP A 308 -3.56 12.57 -22.88
CA TRP A 308 -4.80 12.08 -22.27
C TRP A 308 -5.96 12.99 -22.64
N GLY A 309 -5.86 14.26 -22.23
CA GLY A 309 -6.77 15.33 -22.63
C GLY A 309 -7.17 15.29 -24.09
N ILE A 310 -6.22 14.94 -24.96
CA ILE A 310 -6.48 14.74 -26.38
C ILE A 310 -7.32 13.50 -26.68
N VAL A 311 -6.85 12.31 -26.26
CA VAL A 311 -7.62 11.10 -26.56
C VAL A 311 -8.98 11.17 -25.91
N LYS A 312 -9.08 11.92 -24.81
CA LYS A 312 -10.34 12.10 -24.13
C LYS A 312 -11.18 13.13 -24.85
N TYR A 313 -10.55 14.14 -25.42
CA TYR A 313 -11.39 15.03 -26.20
C TYR A 313 -11.73 14.34 -27.50
N LEU A 314 -10.77 13.68 -28.13
CA LEU A 314 -11.06 13.03 -29.40
C LEU A 314 -11.83 11.73 -29.24
N TYR A 315 -11.26 10.72 -28.60
CA TYR A 315 -11.80 9.37 -28.72
C TYR A 315 -12.80 9.01 -27.61
N GLU A 316 -12.95 9.85 -26.57
CA GLU A 316 -13.75 9.48 -25.42
C GLU A 316 -14.46 10.67 -24.78
N ASP A 317 -15.04 11.55 -25.57
CA ASP A 317 -15.62 12.79 -25.04
C ASP A 317 -17.07 12.53 -24.62
N GLU A 318 -17.30 12.41 -23.32
CA GLU A 318 -18.64 12.09 -22.82
C GLU A 318 -18.78 12.60 -21.38
N GLY A 319 -19.62 13.64 -21.20
CA GLY A 319 -19.90 14.19 -19.87
C GLY A 319 -18.66 14.55 -19.08
N CYS A 320 -17.95 15.58 -19.55
CA CYS A 320 -16.69 16.04 -18.97
C CYS A 320 -15.66 14.91 -18.85
N TRP A 321 -15.82 13.85 -19.63
CA TRP A 321 -14.89 12.72 -19.62
C TRP A 321 -14.87 11.94 -18.29
N THR A 322 -15.99 11.95 -17.55
CA THR A 322 -16.05 11.11 -16.37
C THR A 322 -16.29 9.66 -16.77
N ARG A 323 -17.04 9.39 -17.86
CA ARG A 323 -17.42 8.03 -18.19
C ARG A 323 -16.20 7.36 -18.79
N ASN A 324 -15.09 7.46 -18.04
CA ASN A 324 -13.75 7.09 -18.49
C ASN A 324 -13.59 5.59 -18.28
N SER A 325 -14.26 4.82 -19.15
CA SER A 325 -14.13 3.36 -19.13
C SER A 325 -14.47 2.83 -20.51
N ASN A 326 -13.44 2.64 -21.33
CA ASN A 326 -13.69 2.00 -22.61
C ASN A 326 -12.53 1.10 -23.03
N MET A 327 -11.35 1.72 -23.06
CA MET A 327 -10.17 1.23 -23.75
C MET A 327 -8.91 1.70 -23.04
N ASN A 328 -7.73 1.62 -23.70
CA ASN A 328 -6.44 1.88 -23.08
C ASN A 328 -6.32 3.28 -22.46
N TYR A 329 -7.22 4.21 -22.80
CA TYR A 329 -6.98 5.63 -22.53
C TYR A 329 -7.02 5.97 -21.04
N TRP A 330 -7.56 5.08 -20.19
CA TRP A 330 -7.47 5.27 -18.74
C TRP A 330 -6.03 5.08 -18.25
N LEU A 331 -5.32 4.12 -18.87
CA LEU A 331 -4.03 3.69 -18.34
C LEU A 331 -3.03 4.82 -18.35
N ILE A 332 -3.14 5.70 -19.32
CA ILE A 332 -2.05 6.57 -19.72
C ILE A 332 -2.00 7.82 -18.82
N ILE A 333 -2.88 7.86 -17.82
CA ILE A 333 -2.75 8.81 -16.72
C ILE A 333 -2.58 8.08 -15.40
N ARG A 334 -2.86 6.79 -15.38
CA ARG A 334 -2.84 5.99 -14.19
C ARG A 334 -1.52 5.24 -14.07
N LEU A 335 -1.03 4.72 -15.21
CA LEU A 335 0.31 4.15 -15.23
C LEU A 335 1.45 5.09 -14.89
N PRO A 336 1.55 6.27 -15.50
CA PRO A 336 2.62 7.17 -15.07
C PRO A 336 2.50 7.48 -13.58
N ILE A 337 1.30 7.83 -13.11
CA ILE A 337 1.08 7.92 -11.66
C ILE A 337 1.46 6.60 -10.98
N LEU A 338 0.99 5.47 -11.53
CA LEU A 338 1.33 4.18 -10.91
C LEU A 338 2.84 4.07 -10.82
N PHE A 339 3.54 4.38 -11.91
CA PHE A 339 4.98 4.31 -11.91
C PHE A 339 5.62 5.24 -10.87
N ALA A 340 5.05 6.43 -10.62
CA ALA A 340 5.66 7.26 -9.60
C ALA A 340 5.54 6.61 -8.24
N CYS A 341 4.37 5.99 -7.98
CA CYS A 341 4.05 5.40 -6.68
C CYS A 341 4.98 4.25 -6.38
N ILE A 342 5.11 3.34 -7.34
CA ILE A 342 6.09 2.28 -7.27
C ILE A 342 7.43 2.83 -6.82
N VAL A 343 7.97 3.81 -7.55
CA VAL A 343 9.29 4.29 -7.17
C VAL A 343 9.20 4.93 -5.80
N ASN A 344 8.23 5.79 -5.60
CA ASN A 344 8.06 6.44 -4.32
C ASN A 344 8.02 5.45 -3.19
N PHE A 345 7.64 4.20 -3.47
CA PHE A 345 7.67 3.16 -2.44
C PHE A 345 9.03 2.49 -2.39
N LEU A 346 9.61 2.15 -3.55
CA LEU A 346 11.02 1.81 -3.58
C LEU A 346 11.84 2.84 -2.82
N ILE A 347 11.69 4.11 -3.20
CA ILE A 347 12.29 5.19 -2.43
C ILE A 347 11.93 5.04 -0.97
N PHE A 348 10.63 5.02 -0.70
CA PHE A 348 10.10 4.81 0.64
C PHE A 348 10.89 3.70 1.35
N VAL A 349 11.10 2.55 0.68
CA VAL A 349 11.90 1.45 1.18
C VAL A 349 13.34 1.87 1.49
N ARG A 350 14.04 2.29 0.44
CA ARG A 350 15.47 2.49 0.59
C ARG A 350 15.73 3.49 1.69
N VAL A 351 15.04 4.61 1.66
CA VAL A 351 15.13 5.66 2.67
C VAL A 351 15.15 5.09 4.08
N ILE A 352 14.24 4.19 4.40
CA ILE A 352 14.13 3.75 5.80
C ILE A 352 15.38 3.02 6.23
N CYS A 353 15.87 2.07 5.40
CA CYS A 353 17.13 1.44 5.74
C CYS A 353 18.20 2.51 5.99
N ILE A 354 18.23 3.50 5.09
CA ILE A 354 19.09 4.66 5.27
C ILE A 354 18.94 5.23 6.66
N VAL A 355 17.72 5.70 6.99
CA VAL A 355 17.55 6.32 8.32
C VAL A 355 17.88 5.36 9.45
N VAL A 356 17.54 4.06 9.31
CA VAL A 356 17.84 3.14 10.41
C VAL A 356 19.34 3.10 10.60
N SER A 357 20.09 2.82 9.51
CA SER A 357 21.54 2.95 9.55
C SER A 357 21.96 4.23 10.25
N LYS A 358 21.50 5.39 9.74
CA LYS A 358 22.10 6.66 10.15
C LYS A 358 21.77 6.99 11.59
N LEU A 359 20.64 6.47 12.09
CA LEU A 359 20.32 6.67 13.50
C LEU A 359 21.00 5.62 14.38
N LYS A 360 21.14 4.39 13.87
CA LYS A 360 21.85 3.31 14.56
C LYS A 360 23.32 3.65 14.68
N ALA A 361 23.90 4.15 13.59
CA ALA A 361 25.28 4.60 13.47
C ALA A 361 25.55 5.92 14.23
N ASN A 362 24.50 6.60 14.71
CA ASN A 362 24.43 7.87 15.44
C ASN A 362 24.82 9.00 14.50
N LEU A 363 25.00 8.67 13.21
CA LEU A 363 25.30 9.59 12.13
C LEU A 363 24.24 10.66 11.94
N MET A 364 23.03 10.44 12.43
CA MET A 364 21.94 11.36 12.15
C MET A 364 21.00 11.36 13.34
N CYS A 365 21.02 12.44 14.13
CA CYS A 365 20.08 12.59 15.23
C CYS A 365 18.68 12.77 14.69
N LYS A 366 17.72 12.85 15.62
CA LYS A 366 16.33 13.08 15.28
C LYS A 366 15.97 14.56 15.22
N THR A 367 16.88 15.43 15.70
CA THR A 367 16.72 16.87 15.67
C THR A 367 17.07 17.46 14.31
N ASP A 368 17.84 16.71 13.50
CA ASP A 368 18.37 17.13 12.22
C ASP A 368 17.25 17.39 11.23
N ILE A 369 17.61 17.96 10.08
CA ILE A 369 16.61 18.24 9.04
C ILE A 369 16.39 17.06 8.12
N ALA A 370 17.42 16.27 7.84
CA ALA A 370 17.20 15.15 6.96
C ALA A 370 16.23 14.17 7.57
N PHE A 371 16.27 14.01 8.90
CA PHE A 371 15.33 13.13 9.59
C PHE A 371 13.95 13.75 9.67
N ARG A 372 13.87 15.01 10.12
CA ARG A 372 12.57 15.68 10.21
C ARG A 372 11.79 15.58 8.87
N LEU A 373 12.52 15.79 7.77
CA LEU A 373 11.94 15.68 6.45
C LEU A 373 11.56 14.24 6.11
N ALA A 374 12.35 13.25 6.51
CA ALA A 374 11.87 11.89 6.23
C ALA A 374 10.60 11.57 7.03
N LYS A 375 10.45 12.16 8.22
CA LYS A 375 9.22 12.02 8.99
C LYS A 375 8.02 12.42 8.14
N SER A 376 7.95 13.71 7.75
CA SER A 376 6.98 14.28 6.80
C SER A 376 6.80 13.50 5.50
N THR A 377 7.89 13.38 4.76
CA THR A 377 7.85 12.83 3.42
C THR A 377 7.38 11.40 3.44
N LEU A 378 7.97 10.57 4.31
CA LEU A 378 7.67 9.16 4.32
C LEU A 378 6.24 8.93 4.79
N THR A 379 5.70 9.85 5.59
CA THR A 379 4.27 9.83 5.89
C THR A 379 3.45 10.02 4.62
N LEU A 380 3.70 11.10 3.89
CA LEU A 380 2.83 11.41 2.74
C LEU A 380 2.92 10.36 1.63
N ILE A 381 4.10 9.74 1.41
CA ILE A 381 4.22 8.79 0.29
C ILE A 381 3.14 7.71 0.32
N PRO A 382 2.97 6.97 1.42
CA PRO A 382 1.90 5.97 1.47
C PRO A 382 0.51 6.59 1.55
N LEU A 383 0.29 7.50 2.51
CA LEU A 383 -0.94 8.29 2.60
C LEU A 383 -1.38 8.90 1.24
N LEU A 384 -0.45 9.08 0.31
CA LEU A 384 -0.89 9.43 -1.00
C LEU A 384 -0.97 8.20 -1.91
N CYS A 385 0.12 7.47 -2.06
CA CYS A 385 0.32 6.49 -3.12
C CYS A 385 -0.19 5.09 -2.82
N THR A 386 -0.61 4.84 -1.60
CA THR A 386 -0.88 3.48 -1.21
C THR A 386 -2.12 3.00 -1.92
N HIS A 387 -3.20 3.78 -1.81
CA HIS A 387 -4.46 3.46 -2.48
C HIS A 387 -4.21 3.21 -3.97
N GLU A 388 -3.49 4.14 -4.60
CA GLU A 388 -3.09 3.99 -5.99
C GLU A 388 -2.56 2.59 -6.25
N VAL A 389 -1.76 2.09 -5.29
CA VAL A 389 -1.01 0.84 -5.50
C VAL A 389 -1.86 -0.40 -5.26
N ILE A 390 -2.77 -0.35 -4.29
CA ILE A 390 -3.62 -1.50 -3.92
C ILE A 390 -4.54 -1.89 -5.08
N PHE A 391 -5.38 -0.95 -5.41
CA PHE A 391 -6.32 -1.13 -6.49
C PHE A 391 -5.56 -0.89 -7.78
N ALA A 392 -4.54 -1.70 -8.05
CA ALA A 392 -3.54 -1.28 -9.02
C ALA A 392 -4.13 -1.23 -10.41
N PHE A 393 -4.85 -2.28 -10.81
CA PHE A 393 -5.47 -2.40 -12.14
C PHE A 393 -7.01 -2.58 -12.06
N VAL A 394 -7.67 -1.85 -11.14
CA VAL A 394 -9.12 -1.85 -11.00
C VAL A 394 -9.65 -0.53 -11.54
N MET A 395 -10.72 -0.62 -12.36
CA MET A 395 -11.34 0.55 -12.99
C MET A 395 -12.47 1.13 -12.15
N ASP A 396 -13.30 0.27 -11.55
CA ASP A 396 -14.28 0.65 -10.55
C ASP A 396 -14.97 -0.60 -10.14
N ARG A 404 -21.91 -1.37 -0.14
CA ARG A 404 -20.75 -0.90 0.63
C ARG A 404 -20.43 0.57 0.33
N PHE A 405 -21.35 1.22 -0.41
CA PHE A 405 -21.04 2.45 -1.15
C PHE A 405 -20.71 3.63 -0.23
N ILE A 406 -21.33 3.70 0.96
CA ILE A 406 -21.04 4.77 1.93
C ILE A 406 -19.68 4.57 2.59
N LYS A 407 -19.01 3.44 2.33
CA LYS A 407 -17.68 3.22 2.87
C LYS A 407 -16.61 3.92 2.02
N LEU A 408 -16.58 3.62 0.72
CA LEU A 408 -15.58 4.19 -0.18
C LEU A 408 -15.77 5.68 -0.34
N PHE A 409 -16.96 6.18 -0.02
CA PHE A 409 -17.17 7.62 0.05
C PHE A 409 -16.13 8.32 0.88
N THR A 410 -15.64 7.67 1.93
CA THR A 410 -14.68 8.30 2.81
C THR A 410 -13.31 8.57 2.18
N GLU A 411 -12.93 7.83 1.12
CA GLU A 411 -11.72 8.22 0.40
C GLU A 411 -11.78 9.71 -0.02
N LEU A 412 -12.98 10.22 -0.36
CA LEU A 412 -13.13 11.62 -0.79
C LEU A 412 -12.83 12.60 0.34
N SER A 413 -12.98 12.19 1.60
CA SER A 413 -12.61 13.04 2.73
C SER A 413 -11.11 13.10 2.92
N PHE A 414 -10.40 12.00 2.62
CA PHE A 414 -8.96 12.03 2.77
C PHE A 414 -8.37 13.01 1.78
N THR A 415 -8.64 12.79 0.48
CA THR A 415 -8.08 13.61 -0.58
C THR A 415 -8.32 15.09 -0.32
N SER A 416 -9.52 15.44 0.13
CA SER A 416 -9.84 16.84 0.36
C SER A 416 -8.88 17.46 1.34
N PHE A 417 -8.67 16.78 2.45
CA PHE A 417 -7.81 17.33 3.47
C PHE A 417 -6.35 17.16 3.12
N GLN A 418 -6.04 16.33 2.12
CA GLN A 418 -4.66 16.18 1.73
C GLN A 418 -3.91 17.51 1.75
N GLY A 419 -4.43 18.52 1.04
CA GLY A 419 -3.76 19.81 1.01
C GLY A 419 -3.43 20.34 2.39
N LEU A 420 -4.45 20.41 3.26
CA LEU A 420 -4.26 20.87 4.64
C LEU A 420 -3.09 20.14 5.28
N MET A 421 -3.13 18.80 5.22
CA MET A 421 -2.12 17.94 5.83
C MET A 421 -0.72 18.41 5.46
N VAL A 422 -0.46 18.58 4.16
CA VAL A 422 0.85 19.00 3.68
C VAL A 422 1.33 20.24 4.42
N ALA A 423 0.50 21.31 4.41
CA ALA A 423 0.85 22.55 5.10
C ALA A 423 1.24 22.22 6.52
N ILE A 424 0.33 21.56 7.23
CA ILE A 424 0.55 21.12 8.61
C ILE A 424 1.91 20.47 8.68
N LEU A 425 2.13 19.40 7.88
CA LEU A 425 3.40 18.69 7.97
C LEU A 425 4.58 19.53 7.48
N TYR A 426 4.41 20.30 6.39
CA TYR A 426 5.57 20.94 5.78
C TYR A 426 5.68 22.40 6.14
N CYS A 427 4.78 22.98 6.95
CA CYS A 427 5.16 24.26 7.56
C CYS A 427 4.78 24.43 9.03
N PHE A 428 3.54 24.10 9.41
CA PHE A 428 3.06 24.55 10.73
C PHE A 428 3.76 23.84 11.88
N VAL A 429 4.11 22.56 11.71
CA VAL A 429 4.82 21.80 12.73
C VAL A 429 6.32 21.78 12.48
N ASN A 430 6.78 22.54 11.50
CA ASN A 430 8.20 22.64 11.14
C ASN A 430 8.90 23.58 12.11
N ASN A 431 9.99 23.08 12.70
CA ASN A 431 10.64 23.79 13.80
C ASN A 431 11.10 25.19 13.35
N GLU A 432 11.68 25.25 12.14
CA GLU A 432 12.34 26.45 11.67
C GLU A 432 11.38 27.64 11.71
N VAL A 433 10.16 27.44 11.19
CA VAL A 433 9.21 28.55 11.05
C VAL A 433 8.74 29.02 12.43
N GLN A 434 8.62 28.09 13.39
CA GLN A 434 8.23 28.49 14.74
C GLN A 434 9.31 29.38 15.35
N LEU A 435 10.58 29.06 15.07
CA LEU A 435 11.63 29.96 15.57
C LEU A 435 11.52 31.31 14.91
N GLU A 436 11.15 31.36 13.62
CA GLU A 436 10.98 32.66 12.94
C GLU A 436 9.87 33.51 13.61
N PHE A 437 8.72 32.88 13.92
CA PHE A 437 7.61 33.60 14.57
C PHE A 437 8.04 34.19 15.91
N ARG A 438 8.64 33.35 16.78
CA ARG A 438 9.02 33.82 18.13
C ARG A 438 10.09 34.90 18.04
N LYS A 439 11.04 34.72 17.12
CA LYS A 439 12.12 35.69 16.91
C LYS A 439 11.54 37.07 16.61
N SER A 440 10.54 37.16 15.72
CA SER A 440 10.05 38.50 15.35
C SER A 440 9.08 39.09 16.38
N TRP A 441 8.26 38.27 17.06
CA TRP A 441 7.51 38.86 18.18
C TRP A 441 8.48 39.49 19.17
N GLU A 442 9.62 38.83 19.40
CA GLU A 442 10.61 39.40 20.30
C GLU A 442 11.16 40.70 19.73
N ARG A 443 11.41 40.75 18.42
CA ARG A 443 11.83 41.99 17.79
C ARG A 443 10.79 43.09 17.97
N TRP A 444 9.52 42.71 18.13
CA TRP A 444 8.49 43.69 18.39
C TRP A 444 8.61 44.24 19.81
N ARG A 445 8.73 43.34 20.79
CA ARG A 445 8.92 43.78 22.18
C ARG A 445 10.13 44.70 22.29
N LEU A 446 11.27 44.26 21.76
CA LEU A 446 12.48 45.07 21.75
C LEU A 446 12.52 46.00 20.53
N SER B 10 16.82 -40.01 28.31
CA SER B 10 18.02 -39.27 27.98
C SER B 10 17.67 -37.87 27.54
N PRO B 11 18.44 -36.89 28.00
CA PRO B 11 18.14 -35.50 27.61
C PRO B 11 18.39 -35.27 26.13
N GLU B 12 19.58 -35.68 25.64
CA GLU B 12 19.90 -35.46 24.24
C GLU B 12 18.94 -36.20 23.33
N GLU B 13 18.58 -37.45 23.68
CA GLU B 13 17.68 -38.22 22.84
C GLU B 13 16.33 -37.54 22.71
N GLN B 14 15.82 -36.99 23.82
CA GLN B 14 14.55 -36.27 23.77
C GLN B 14 14.64 -35.10 22.81
N LEU B 15 15.68 -34.25 23.00
CA LEU B 15 15.80 -33.09 22.13
C LEU B 15 15.86 -33.50 20.65
N LEU B 16 16.49 -34.64 20.34
CA LEU B 16 16.66 -35.00 18.93
C LEU B 16 15.38 -35.55 18.32
N PHE B 17 14.66 -36.37 19.10
CA PHE B 17 13.43 -36.99 18.60
C PHE B 17 12.39 -35.94 18.25
N LEU B 18 12.38 -34.85 19.03
CA LEU B 18 11.42 -33.79 18.73
C LEU B 18 11.70 -33.12 17.39
N TYR B 19 13.00 -32.88 17.11
CA TYR B 19 13.42 -32.31 15.84
C TYR B 19 12.97 -33.22 14.70
N ILE B 20 13.05 -34.54 14.90
CA ILE B 20 12.63 -35.43 13.83
C ILE B 20 11.16 -35.21 13.53
N ILE B 21 10.32 -35.19 14.56
CA ILE B 21 8.89 -35.06 14.25
C ILE B 21 8.58 -33.70 13.61
N TYR B 22 9.26 -32.63 14.00
CA TYR B 22 8.99 -31.30 13.43
C TYR B 22 9.38 -31.21 11.96
N THR B 23 10.58 -31.72 11.63
CA THR B 23 11.04 -31.61 10.25
C THR B 23 10.30 -32.56 9.32
N VAL B 24 9.90 -33.74 9.81
CA VAL B 24 9.06 -34.56 8.96
C VAL B 24 7.65 -33.99 8.89
N GLY B 25 7.22 -33.29 9.93
CA GLY B 25 5.94 -32.60 9.87
C GLY B 25 5.90 -31.61 8.74
N TYR B 26 6.91 -30.73 8.68
CA TYR B 26 7.00 -29.79 7.58
C TYR B 26 7.40 -30.46 6.24
N ALA B 27 8.09 -31.62 6.26
CA ALA B 27 8.34 -32.33 5.00
C ALA B 27 7.03 -32.81 4.39
N LEU B 28 6.23 -33.50 5.22
CA LEU B 28 4.96 -34.03 4.79
C LEU B 28 4.03 -32.90 4.36
N SER B 29 3.96 -31.81 5.15
CA SER B 29 3.11 -30.67 4.80
C SER B 29 3.54 -30.04 3.49
N PHE B 30 4.83 -29.68 3.36
CA PHE B 30 5.29 -29.07 2.14
C PHE B 30 4.92 -29.93 0.94
N SER B 31 5.26 -31.21 0.99
CA SER B 31 4.97 -32.08 -0.14
C SER B 31 3.48 -32.11 -0.43
N ALA B 32 2.65 -32.27 0.60
CA ALA B 32 1.22 -32.32 0.33
C ALA B 32 0.70 -31.00 -0.20
N LEU B 33 1.16 -29.89 0.34
CA LEU B 33 0.66 -28.60 -0.10
C LEU B 33 1.11 -28.29 -1.50
N VAL B 34 2.29 -28.76 -1.88
CA VAL B 34 2.70 -28.59 -3.27
C VAL B 34 1.84 -29.45 -4.18
N ILE B 35 1.55 -30.67 -3.74
CA ILE B 35 0.71 -31.55 -4.52
C ILE B 35 -0.71 -30.99 -4.60
N ALA B 36 -1.20 -30.43 -3.49
CA ALA B 36 -2.52 -29.84 -3.45
C ALA B 36 -2.61 -28.62 -4.35
N SER B 37 -1.65 -27.72 -4.24
CA SER B 37 -1.65 -26.54 -5.10
C SER B 37 -1.46 -26.91 -6.58
N ALA B 38 -0.73 -28.01 -6.86
CA ALA B 38 -0.65 -28.52 -8.23
C ALA B 38 -1.98 -29.08 -8.70
N ILE B 39 -2.76 -29.70 -7.80
CA ILE B 39 -4.08 -30.18 -8.18
C ILE B 39 -5.01 -29.03 -8.47
N LEU B 40 -5.07 -28.05 -7.56
CA LEU B 40 -5.94 -26.90 -7.77
C LEU B 40 -5.58 -26.17 -9.05
N LEU B 41 -4.27 -26.12 -9.39
CA LEU B 41 -3.87 -25.39 -10.58
C LEU B 41 -4.03 -26.20 -11.86
N GLY B 42 -3.78 -27.52 -11.78
CA GLY B 42 -3.75 -28.36 -12.97
C GLY B 42 -5.14 -28.69 -13.53
N PHE B 43 -6.11 -28.91 -12.66
CA PHE B 43 -7.44 -29.21 -13.15
C PHE B 43 -8.16 -27.89 -13.37
N ARG B 44 -8.67 -27.73 -14.59
CA ARG B 44 -9.28 -26.49 -15.00
C ARG B 44 -10.56 -26.22 -14.24
N HIS B 45 -11.25 -27.27 -13.83
CA HIS B 45 -12.53 -27.08 -13.18
C HIS B 45 -12.38 -26.50 -11.80
N LEU B 46 -11.17 -26.47 -11.29
CA LEU B 46 -10.95 -26.03 -9.92
C LEU B 46 -10.59 -24.54 -9.80
N HIS B 47 -10.54 -23.81 -10.92
CA HIS B 47 -10.06 -22.43 -10.89
C HIS B 47 -11.16 -21.48 -10.45
N CYS B 48 -11.35 -21.35 -9.15
CA CYS B 48 -12.42 -20.49 -8.67
C CYS B 48 -11.91 -19.66 -7.50
N THR B 49 -12.70 -18.68 -7.06
CA THR B 49 -12.19 -17.78 -6.04
C THR B 49 -11.96 -18.50 -4.71
N ARG B 50 -12.84 -19.42 -4.32
CA ARG B 50 -12.60 -20.21 -3.12
C ARG B 50 -11.21 -20.84 -3.18
N ASN B 51 -10.92 -21.57 -4.25
CA ASN B 51 -9.64 -22.24 -4.35
C ASN B 51 -8.50 -21.28 -4.61
N TYR B 52 -8.75 -20.09 -5.18
CA TYR B 52 -7.63 -19.16 -5.28
C TYR B 52 -7.29 -18.64 -3.90
N ILE B 53 -8.30 -18.43 -3.04
CA ILE B 53 -8.06 -18.09 -1.63
C ILE B 53 -7.28 -19.20 -0.94
N HIS B 54 -7.63 -20.46 -1.23
CA HIS B 54 -6.83 -21.58 -0.74
C HIS B 54 -5.39 -21.49 -1.24
N LEU B 55 -5.21 -21.20 -2.52
CA LEU B 55 -3.86 -21.19 -3.06
C LEU B 55 -3.03 -20.10 -2.40
N ASN B 56 -3.68 -19.01 -2.01
CA ASN B 56 -2.95 -18.01 -1.25
C ASN B 56 -2.60 -18.48 0.15
N LEU B 57 -3.54 -19.21 0.79
CA LEU B 57 -3.27 -19.74 2.13
C LEU B 57 -2.14 -20.75 2.03
N PHE B 58 -2.25 -21.68 1.07
CA PHE B 58 -1.21 -22.65 0.80
C PHE B 58 0.13 -21.98 0.62
N ALA B 59 0.20 -20.93 -0.20
CA ALA B 59 1.46 -20.22 -0.37
C ALA B 59 2.02 -19.77 0.96
N SER B 60 1.17 -19.17 1.80
CA SER B 60 1.66 -18.74 3.10
C SER B 60 2.21 -19.94 3.90
N PHE B 61 1.58 -21.12 3.79
CA PHE B 61 2.08 -22.31 4.49
C PHE B 61 3.35 -22.90 3.86
N ILE B 62 3.41 -22.93 2.52
CA ILE B 62 4.61 -23.39 1.82
C ILE B 62 5.80 -22.48 2.09
N LEU B 63 5.61 -21.16 1.94
CA LEU B 63 6.61 -20.18 2.35
C LEU B 63 7.05 -20.36 3.80
N ARG B 64 6.11 -20.69 4.70
CA ARG B 64 6.51 -20.91 6.07
C ARG B 64 7.46 -22.12 6.13
N ALA B 65 7.08 -23.19 5.44
CA ALA B 65 7.94 -24.36 5.35
C ALA B 65 9.29 -24.00 4.73
N LEU B 66 9.31 -23.17 3.70
CA LEU B 66 10.57 -22.77 3.10
C LEU B 66 11.45 -22.06 4.12
N SER B 67 10.88 -21.17 4.94
CA SER B 67 11.65 -20.57 6.02
C SER B 67 12.21 -21.64 6.92
N VAL B 68 11.41 -22.66 7.22
CA VAL B 68 11.89 -23.70 8.13
C VAL B 68 13.04 -24.49 7.49
N PHE B 69 12.95 -24.78 6.19
CA PHE B 69 14.01 -25.52 5.51
C PHE B 69 15.23 -24.67 5.20
N ILE B 70 15.08 -23.35 5.07
CA ILE B 70 16.26 -22.50 4.93
C ILE B 70 16.98 -22.33 6.25
N LYS B 71 16.24 -22.10 7.35
CA LYS B 71 16.90 -22.08 8.64
C LYS B 71 17.60 -23.41 8.89
N ASP B 72 17.01 -24.51 8.41
CA ASP B 72 17.70 -25.78 8.58
C ASP B 72 18.83 -25.98 7.57
N ALA B 73 18.79 -25.37 6.42
CA ALA B 73 19.96 -25.45 5.54
C ALA B 73 21.10 -24.49 5.92
N ALA B 74 20.79 -23.37 6.59
CA ALA B 74 21.81 -22.47 7.09
C ALA B 74 22.54 -22.97 8.32
N LEU B 75 22.01 -23.94 9.07
CA LEU B 75 22.87 -24.47 10.12
C LEU B 75 23.88 -25.42 9.49
N LYS B 76 23.59 -25.85 8.25
CA LYS B 76 24.47 -26.63 7.39
C LYS B 76 25.62 -25.81 6.78
N TRP B 77 25.53 -24.49 6.81
CA TRP B 77 26.63 -23.65 6.35
C TRP B 77 26.99 -22.66 7.47
N SER B 86 28.68 -16.76 14.23
CA SER B 86 27.67 -17.78 14.27
C SER B 86 26.50 -17.33 13.46
N TYR B 87 25.53 -18.26 13.27
CA TYR B 87 24.33 -17.96 12.50
C TYR B 87 23.42 -16.97 13.25
N GLN B 88 23.20 -17.20 14.54
CA GLN B 88 22.35 -16.32 15.34
C GLN B 88 22.83 -14.87 15.27
N ASP B 89 24.12 -14.63 15.05
CA ASP B 89 24.66 -13.27 14.98
C ASP B 89 24.56 -12.66 13.57
N SER B 90 24.32 -13.49 12.57
CA SER B 90 24.25 -13.03 11.19
C SER B 90 22.97 -12.25 10.95
N LEU B 91 23.01 -11.41 9.91
CA LEU B 91 21.83 -10.67 9.50
C LEU B 91 20.90 -11.50 8.62
N ALA B 92 21.46 -12.42 7.83
CA ALA B 92 20.62 -13.29 7.01
C ALA B 92 19.61 -14.04 7.88
N CYS B 93 19.98 -14.38 9.12
CA CYS B 93 19.02 -15.01 10.03
C CYS B 93 17.88 -14.07 10.40
N ARG B 94 18.20 -12.83 10.79
CA ARG B 94 17.17 -11.84 11.10
C ARG B 94 16.24 -11.67 9.90
N LEU B 95 16.76 -11.82 8.68
CA LEU B 95 15.89 -11.75 7.52
C LEU B 95 15.00 -12.97 7.41
N VAL B 96 15.55 -14.16 7.66
CA VAL B 96 14.75 -15.38 7.49
C VAL B 96 13.66 -15.45 8.56
N PHE B 97 13.93 -14.90 9.74
CA PHE B 97 12.94 -14.84 10.81
C PHE B 97 11.92 -13.75 10.51
N LEU B 98 12.30 -12.68 9.79
CA LEU B 98 11.32 -11.67 9.41
C LEU B 98 10.40 -12.18 8.29
N LEU B 99 10.93 -13.05 7.42
CA LEU B 99 10.10 -13.78 6.48
C LEU B 99 9.17 -14.79 7.16
N MET B 100 9.70 -15.54 8.14
CA MET B 100 8.87 -16.45 8.91
C MET B 100 7.71 -15.70 9.54
N GLN B 101 7.99 -14.65 10.30
CA GLN B 101 6.93 -13.90 10.96
C GLN B 101 5.96 -13.34 9.94
N TYR B 102 6.47 -12.98 8.76
CA TYR B 102 5.53 -12.50 7.76
C TYR B 102 4.58 -13.62 7.35
N CYS B 103 5.11 -14.84 7.14
CA CYS B 103 4.28 -15.98 6.72
C CYS B 103 3.22 -16.33 7.76
N VAL B 104 3.58 -16.18 9.04
CA VAL B 104 2.68 -16.47 10.16
C VAL B 104 1.52 -15.48 10.18
N ALA B 105 1.82 -14.19 10.03
CA ALA B 105 0.78 -13.16 9.89
C ALA B 105 -0.07 -13.38 8.61
N ALA B 106 0.55 -13.93 7.56
CA ALA B 106 -0.18 -14.24 6.34
C ALA B 106 -1.07 -15.45 6.52
N ASN B 107 -0.58 -16.47 7.22
CA ASN B 107 -1.41 -17.61 7.60
C ASN B 107 -2.66 -17.13 8.29
N TYR B 108 -2.49 -16.31 9.34
CA TYR B 108 -3.63 -15.86 10.12
C TYR B 108 -4.51 -14.88 9.36
N TYR B 109 -3.98 -14.07 8.46
CA TYR B 109 -4.89 -13.20 7.75
C TYR B 109 -5.50 -13.87 6.51
N TRP B 110 -4.82 -14.80 5.85
CA TRP B 110 -5.51 -15.60 4.86
C TRP B 110 -6.55 -16.51 5.52
N LEU B 111 -6.34 -16.97 6.75
CA LEU B 111 -7.45 -17.58 7.48
C LEU B 111 -8.56 -16.59 7.77
N LEU B 112 -8.22 -15.29 7.94
CA LEU B 112 -9.27 -14.33 8.26
C LEU B 112 -10.13 -14.10 7.03
N VAL B 113 -9.51 -13.98 5.86
CA VAL B 113 -10.33 -13.76 4.66
C VAL B 113 -11.02 -15.06 4.31
N GLU B 114 -10.44 -16.19 4.73
CA GLU B 114 -11.04 -17.50 4.52
C GLU B 114 -12.35 -17.59 5.33
N GLY B 115 -12.32 -17.02 6.53
CA GLY B 115 -13.49 -16.92 7.36
C GLY B 115 -14.49 -15.89 6.88
N VAL B 116 -13.94 -14.76 6.40
CA VAL B 116 -14.76 -13.68 5.81
C VAL B 116 -15.46 -14.12 4.52
N TYR B 117 -14.75 -14.82 3.65
CA TYR B 117 -15.31 -15.38 2.44
C TYR B 117 -16.42 -16.36 2.75
N LEU B 118 -16.23 -17.20 3.79
CA LEU B 118 -17.29 -18.14 4.13
C LEU B 118 -18.54 -17.38 4.57
N TYR B 119 -18.33 -16.31 5.35
CA TYR B 119 -19.44 -15.57 5.95
C TYR B 119 -20.33 -14.99 4.89
N THR B 120 -19.70 -14.31 3.91
CA THR B 120 -20.39 -13.75 2.75
C THR B 120 -21.02 -14.82 1.87
N LEU B 121 -20.36 -15.96 1.65
CA LEU B 121 -20.98 -17.07 0.93
C LEU B 121 -22.26 -17.53 1.62
N LEU B 122 -22.31 -17.43 2.95
CA LEU B 122 -23.54 -17.80 3.64
C LEU B 122 -24.52 -16.64 3.62
N ALA B 123 -24.04 -15.41 3.51
CA ALA B 123 -24.94 -14.26 3.46
C ALA B 123 -25.49 -13.98 2.05
N PHE B 124 -24.79 -14.44 1.00
CA PHE B 124 -25.28 -14.34 -0.36
C PHE B 124 -26.18 -15.52 -0.69
N ASN B 125 -27.30 -15.21 -1.30
CA ASN B 125 -28.37 -16.14 -1.56
C ASN B 125 -29.13 -15.64 -2.78
N ILE B 126 -30.29 -16.26 -3.01
CA ILE B 126 -31.05 -15.91 -4.19
C ILE B 126 -31.58 -14.49 -4.06
N PHE B 127 -31.88 -14.06 -2.83
CA PHE B 127 -32.41 -12.72 -2.67
C PHE B 127 -31.39 -11.68 -3.04
N GLU B 128 -30.14 -11.96 -2.70
CA GLU B 128 -29.09 -11.00 -2.98
C GLU B 128 -28.62 -11.09 -4.41
N MET B 129 -28.58 -12.32 -4.98
CA MET B 129 -28.37 -12.49 -6.42
C MET B 129 -29.40 -11.67 -7.24
N LEU B 130 -30.70 -11.85 -6.92
CA LEU B 130 -31.71 -11.11 -7.68
C LEU B 130 -31.71 -9.62 -7.32
N ARG B 131 -31.36 -9.22 -6.10
CA ARG B 131 -31.29 -7.79 -5.86
C ARG B 131 -30.18 -7.15 -6.69
N ILE B 132 -29.15 -7.94 -7.07
CA ILE B 132 -28.12 -7.43 -7.98
C ILE B 132 -28.60 -7.39 -9.43
N ASP B 133 -29.09 -8.52 -9.93
CA ASP B 133 -29.48 -8.57 -11.33
C ASP B 133 -30.68 -7.68 -11.60
N GLU B 134 -31.70 -7.76 -10.75
CA GLU B 134 -32.97 -7.11 -11.04
C GLU B 134 -33.01 -5.64 -10.65
N GLY B 135 -32.18 -5.21 -9.73
CA GLY B 135 -32.18 -3.79 -9.44
C GLY B 135 -33.31 -3.42 -8.50
N LEU B 136 -33.51 -2.11 -8.36
CA LEU B 136 -34.50 -1.57 -7.43
C LEU B 136 -35.15 -0.33 -8.00
N ARG B 137 -36.48 -0.33 -8.05
CA ARG B 137 -37.22 0.83 -8.49
C ARG B 137 -38.13 1.31 -7.38
N LEU B 138 -38.17 2.62 -7.18
CA LEU B 138 -39.09 3.26 -6.24
C LEU B 138 -40.42 3.65 -6.87
N LYS B 139 -40.43 4.11 -8.13
CA LYS B 139 -41.66 4.49 -8.82
C LYS B 139 -41.92 3.52 -9.95
N ILE B 140 -43.20 3.43 -10.34
CA ILE B 140 -43.59 2.53 -11.42
C ILE B 140 -42.91 2.99 -12.70
N TYR B 141 -42.54 2.02 -13.56
CA TYR B 141 -41.79 2.28 -14.80
C TYR B 141 -42.25 1.37 -15.92
N LYS B 142 -42.50 1.94 -17.11
CA LYS B 142 -42.90 1.20 -18.31
C LYS B 142 -41.65 0.65 -19.00
N ASP B 143 -41.38 -0.65 -18.80
CA ASP B 143 -40.16 -1.30 -19.25
C ASP B 143 -40.23 -1.54 -20.78
N THR B 144 -39.09 -1.89 -21.37
CA THR B 144 -38.97 -1.95 -22.83
C THR B 144 -39.88 -3.03 -23.42
N GLU B 145 -40.33 -3.99 -22.62
CA GLU B 145 -41.23 -5.02 -23.13
C GLU B 145 -42.71 -4.63 -23.07
N GLY B 146 -43.05 -3.57 -22.35
CA GLY B 146 -44.41 -3.16 -22.14
C GLY B 146 -44.96 -3.48 -20.77
N TYR B 147 -44.18 -4.16 -19.93
CA TYR B 147 -44.60 -4.55 -18.60
C TYR B 147 -44.22 -3.45 -17.62
N TYR B 148 -45.18 -3.06 -16.80
CA TYR B 148 -44.95 -2.07 -15.75
C TYR B 148 -44.31 -2.81 -14.59
N THR B 149 -43.13 -2.35 -14.20
CA THR B 149 -42.33 -2.97 -13.15
C THR B 149 -42.19 -1.99 -11.99
N ILE B 150 -41.76 -2.52 -10.85
CA ILE B 150 -41.50 -1.73 -9.64
C ILE B 150 -40.90 -2.67 -8.61
N GLY B 151 -40.15 -2.10 -7.67
CA GLY B 151 -39.41 -2.88 -6.69
C GLY B 151 -38.25 -3.63 -7.31
N ILE B 152 -38.07 -4.88 -6.91
CA ILE B 152 -37.03 -5.75 -7.46
C ILE B 152 -37.75 -6.74 -8.40
N GLY B 153 -37.67 -6.42 -9.70
CA GLY B 153 -38.09 -7.28 -10.77
C GLY B 153 -39.55 -7.65 -10.78
N HIS B 154 -40.43 -6.84 -10.18
CA HIS B 154 -41.83 -7.24 -9.99
C HIS B 154 -42.71 -6.72 -11.11
N LEU B 155 -42.82 -7.53 -12.15
CA LEU B 155 -43.67 -7.19 -13.28
C LEU B 155 -45.11 -7.24 -12.81
N LEU B 156 -45.92 -6.26 -13.23
CA LEU B 156 -47.33 -6.32 -12.83
C LEU B 156 -48.23 -6.90 -13.92
N THR B 157 -48.45 -6.14 -14.99
CA THR B 157 -49.24 -6.53 -16.15
C THR B 157 -48.73 -5.76 -17.36
N LYS B 158 -48.72 -6.44 -18.51
CA LYS B 158 -48.33 -5.82 -19.77
C LYS B 158 -49.36 -4.81 -20.26
N SER B 159 -50.56 -4.84 -19.69
CA SER B 159 -51.65 -3.94 -20.05
C SER B 159 -51.12 -2.50 -20.11
N PRO B 160 -51.17 -1.86 -21.29
CA PRO B 160 -50.63 -0.49 -21.45
C PRO B 160 -51.50 0.58 -20.79
N SER B 161 -51.42 0.67 -19.45
CA SER B 161 -52.32 1.52 -18.69
C SER B 161 -51.69 1.82 -17.34
N LEU B 162 -51.21 3.07 -17.15
CA LEU B 162 -50.52 3.45 -15.91
C LEU B 162 -51.49 3.55 -14.73
N ASN B 163 -52.70 4.02 -15.01
CA ASN B 163 -53.73 4.10 -13.98
C ASN B 163 -54.04 2.71 -13.43
N ALA B 164 -54.30 1.76 -14.34
CA ALA B 164 -54.63 0.38 -13.98
C ALA B 164 -53.41 -0.37 -13.49
N ALA B 165 -52.20 0.02 -13.90
CA ALA B 165 -51.03 -0.56 -13.26
C ALA B 165 -50.93 -0.12 -11.81
N LYS B 166 -51.18 1.17 -11.52
CA LYS B 166 -51.09 1.61 -10.13
C LYS B 166 -52.19 0.96 -9.30
N SER B 167 -53.38 0.76 -9.88
CA SER B 167 -54.41 0.05 -9.12
C SER B 167 -54.04 -1.42 -8.93
N GLU B 168 -53.51 -2.06 -9.99
CA GLU B 168 -53.11 -3.45 -9.92
C GLU B 168 -52.02 -3.66 -8.89
N LEU B 169 -51.18 -2.65 -8.70
CA LEU B 169 -50.17 -2.66 -7.64
C LEU B 169 -50.80 -2.35 -6.29
N ASP B 170 -51.85 -1.52 -6.26
CA ASP B 170 -52.49 -1.18 -5.00
C ASP B 170 -53.12 -2.40 -4.36
N LYS B 171 -53.70 -3.30 -5.16
CA LYS B 171 -54.21 -4.53 -4.56
C LYS B 171 -53.07 -5.44 -4.11
N ALA B 172 -51.94 -5.41 -4.81
CA ALA B 172 -50.81 -6.26 -4.46
C ALA B 172 -49.94 -5.67 -3.35
N ILE B 173 -50.30 -4.51 -2.81
CA ILE B 173 -49.51 -3.89 -1.75
C ILE B 173 -50.42 -3.56 -0.57
N GLY B 174 -51.70 -3.47 -0.81
CA GLY B 174 -52.65 -3.10 0.22
C GLY B 174 -53.07 -1.65 0.26
N ARG B 175 -52.23 -0.73 0.70
CA ARG B 175 -52.71 0.65 0.79
C ARG B 175 -52.63 1.30 -0.60
N ASN B 176 -53.07 2.56 -0.70
CA ASN B 176 -53.00 3.26 -1.98
C ASN B 176 -51.57 3.54 -2.37
N THR B 177 -51.26 3.29 -3.65
CA THR B 177 -49.88 3.39 -4.12
C THR B 177 -49.47 4.84 -4.40
N ASN B 178 -50.21 5.52 -5.28
CA ASN B 178 -49.92 6.85 -5.80
C ASN B 178 -48.77 6.82 -6.80
N GLY B 179 -47.96 5.77 -6.77
CA GLY B 179 -46.84 5.65 -7.68
C GLY B 179 -45.53 5.35 -6.98
N VAL B 180 -45.33 5.94 -5.80
CA VAL B 180 -44.10 5.74 -5.03
C VAL B 180 -44.34 4.68 -3.98
N ILE B 181 -43.41 3.71 -3.88
CA ILE B 181 -43.48 2.57 -2.97
C ILE B 181 -42.17 2.48 -2.19
N THR B 182 -42.27 2.33 -0.87
CA THR B 182 -41.08 2.34 -0.01
C THR B 182 -40.26 1.06 -0.16
N LYS B 183 -39.05 1.13 0.42
CA LYS B 183 -38.10 0.02 0.30
C LYS B 183 -38.63 -1.24 1.00
N ASP B 184 -39.29 -1.08 2.16
CA ASP B 184 -39.78 -2.22 2.91
C ASP B 184 -40.89 -2.95 2.16
N GLU B 185 -41.76 -2.18 1.50
CA GLU B 185 -42.85 -2.74 0.71
C GLU B 185 -42.32 -3.53 -0.49
N ALA B 186 -41.34 -2.96 -1.21
CA ALA B 186 -40.70 -3.68 -2.31
C ALA B 186 -40.07 -4.98 -1.80
N GLU B 187 -39.38 -4.97 -0.65
CA GLU B 187 -38.77 -6.21 -0.18
C GLU B 187 -39.83 -7.23 0.19
N LYS B 188 -40.95 -6.77 0.75
CA LYS B 188 -42.09 -7.65 1.03
C LYS B 188 -42.59 -8.32 -0.26
N LEU B 189 -42.85 -7.52 -1.31
CA LEU B 189 -43.31 -8.09 -2.57
C LEU B 189 -42.24 -8.97 -3.20
N PHE B 190 -40.96 -8.69 -2.92
CA PHE B 190 -39.84 -9.45 -3.49
C PHE B 190 -39.77 -10.85 -2.90
N ASN B 191 -40.00 -10.93 -1.58
CA ASN B 191 -40.15 -12.22 -0.91
C ASN B 191 -41.31 -12.99 -1.52
N GLN B 192 -42.40 -12.27 -1.80
CA GLN B 192 -43.53 -12.94 -2.44
C GLN B 192 -43.13 -13.56 -3.77
N ASP B 193 -42.42 -12.79 -4.59
CA ASP B 193 -42.10 -13.27 -5.93
C ASP B 193 -41.23 -14.52 -5.87
N VAL B 194 -40.26 -14.52 -4.95
CA VAL B 194 -39.33 -15.65 -4.95
C VAL B 194 -40.04 -16.93 -4.44
N ASP B 195 -40.90 -16.79 -3.42
CA ASP B 195 -41.63 -17.96 -2.99
C ASP B 195 -42.42 -18.54 -4.15
N ALA B 196 -42.97 -17.65 -5.01
CA ALA B 196 -43.72 -18.10 -6.17
C ALA B 196 -42.83 -18.76 -7.23
N ALA B 197 -41.57 -18.33 -7.31
CA ALA B 197 -40.66 -19.00 -8.25
C ALA B 197 -40.34 -20.43 -7.82
N VAL B 198 -40.00 -20.62 -6.54
CA VAL B 198 -39.67 -21.99 -6.11
C VAL B 198 -40.90 -22.89 -6.17
N ARG B 199 -42.08 -22.35 -5.83
CA ARG B 199 -43.27 -23.18 -5.96
C ARG B 199 -43.55 -23.53 -7.42
N GLY B 200 -43.26 -22.60 -8.33
CA GLY B 200 -43.39 -22.91 -9.74
C GLY B 200 -42.47 -24.03 -10.16
N ILE B 201 -41.20 -23.97 -9.76
CA ILE B 201 -40.27 -25.04 -10.11
C ILE B 201 -40.82 -26.37 -9.64
N LEU B 202 -41.08 -26.48 -8.33
CA LEU B 202 -41.47 -27.78 -7.75
C LEU B 202 -42.78 -28.27 -8.33
N ARG B 203 -43.65 -27.35 -8.75
CA ARG B 203 -44.88 -27.70 -9.42
C ARG B 203 -44.68 -27.88 -10.93
N ASN B 204 -43.43 -28.00 -11.36
CA ASN B 204 -43.08 -28.27 -12.75
C ASN B 204 -42.46 -29.66 -12.86
N ALA B 205 -42.99 -30.45 -13.80
CA ALA B 205 -42.64 -31.86 -13.91
C ALA B 205 -41.23 -32.05 -14.47
N LYS B 206 -40.71 -31.08 -15.22
CA LYS B 206 -39.40 -31.15 -15.81
C LYS B 206 -38.36 -30.43 -14.96
N LEU B 207 -38.79 -29.61 -14.01
CA LEU B 207 -37.89 -28.80 -13.22
C LEU B 207 -37.66 -29.36 -11.83
N LYS B 208 -38.59 -30.15 -11.31
CA LYS B 208 -38.43 -30.72 -9.97
C LYS B 208 -37.37 -31.80 -9.89
N PRO B 209 -37.27 -32.77 -10.82
CA PRO B 209 -36.14 -33.72 -10.71
C PRO B 209 -34.77 -33.05 -10.81
N VAL B 210 -34.58 -32.14 -11.76
CA VAL B 210 -33.29 -31.46 -11.82
C VAL B 210 -33.09 -30.60 -10.56
N TYR B 211 -34.10 -29.78 -10.18
CA TYR B 211 -33.96 -28.95 -8.98
C TYR B 211 -33.62 -29.79 -7.76
N ASP B 212 -34.21 -30.96 -7.66
CA ASP B 212 -33.89 -31.83 -6.54
C ASP B 212 -32.52 -32.44 -6.71
N SER B 213 -31.98 -32.49 -7.92
CA SER B 213 -30.64 -33.01 -8.10
C SER B 213 -29.57 -31.92 -8.04
N LEU B 214 -29.98 -30.66 -8.16
CA LEU B 214 -29.05 -29.55 -8.06
C LEU B 214 -28.80 -29.22 -6.60
N ASP B 215 -27.59 -28.69 -6.37
CA ASP B 215 -27.07 -28.14 -5.14
C ASP B 215 -27.57 -26.70 -4.94
N ALA B 216 -27.46 -26.18 -3.72
CA ALA B 216 -28.13 -24.91 -3.41
C ALA B 216 -27.69 -23.79 -4.35
N VAL B 217 -26.43 -23.78 -4.74
CA VAL B 217 -25.98 -22.70 -5.60
C VAL B 217 -26.62 -22.85 -6.96
N ARG B 218 -26.40 -23.99 -7.61
CA ARG B 218 -27.04 -24.24 -8.89
C ARG B 218 -28.56 -24.24 -8.82
N ARG B 219 -29.13 -24.59 -7.66
CA ARG B 219 -30.55 -24.34 -7.44
C ARG B 219 -30.88 -22.86 -7.56
N ALA B 220 -30.13 -22.00 -6.86
CA ALA B 220 -30.34 -20.55 -6.97
C ALA B 220 -30.26 -20.09 -8.41
N ALA B 221 -29.30 -20.64 -9.16
CA ALA B 221 -29.17 -20.27 -10.56
C ALA B 221 -30.43 -20.59 -11.31
N LEU B 222 -30.98 -21.78 -11.03
CA LEU B 222 -32.23 -22.21 -11.67
C LEU B 222 -33.39 -21.27 -11.29
N ILE B 223 -33.45 -20.87 -10.01
CA ILE B 223 -34.47 -19.93 -9.54
C ILE B 223 -34.32 -18.57 -10.19
N ASN B 224 -33.08 -18.10 -10.35
CA ASN B 224 -32.83 -16.83 -11.01
C ASN B 224 -33.44 -16.85 -12.40
N MET B 225 -33.17 -17.92 -13.17
CA MET B 225 -33.79 -18.02 -14.47
C MET B 225 -35.33 -17.98 -14.39
N VAL B 226 -35.93 -18.71 -13.45
CA VAL B 226 -37.39 -18.67 -13.36
C VAL B 226 -37.90 -17.29 -12.97
N PHE B 227 -37.19 -16.59 -12.12
CA PHE B 227 -37.62 -15.25 -11.75
C PHE B 227 -37.57 -14.30 -12.93
N GLN B 228 -36.65 -14.53 -13.87
CA GLN B 228 -36.60 -13.67 -15.05
C GLN B 228 -37.54 -14.14 -16.16
N MET B 229 -37.52 -15.45 -16.46
CA MET B 229 -38.35 -16.04 -17.52
C MET B 229 -39.69 -16.53 -16.97
N GLY B 230 -39.66 -17.49 -16.05
CA GLY B 230 -40.89 -18.11 -15.60
C GLY B 230 -40.74 -19.62 -15.64
N GLU B 231 -41.62 -20.35 -14.94
CA GLU B 231 -41.48 -21.82 -14.81
C GLU B 231 -41.57 -22.50 -16.17
N THR B 232 -42.65 -22.21 -16.89
CA THR B 232 -42.90 -22.83 -18.18
C THR B 232 -41.85 -22.44 -19.22
N GLY B 233 -41.24 -21.27 -19.08
CA GLY B 233 -40.23 -20.85 -20.02
C GLY B 233 -38.90 -21.54 -19.82
N VAL B 234 -38.37 -21.52 -18.60
CA VAL B 234 -37.08 -22.20 -18.45
C VAL B 234 -37.26 -23.70 -18.60
N ALA B 235 -38.49 -24.24 -18.41
CA ALA B 235 -38.68 -25.68 -18.63
C ALA B 235 -38.38 -26.06 -20.07
N GLY B 236 -38.33 -25.08 -20.98
CA GLY B 236 -38.09 -25.33 -22.39
C GLY B 236 -36.68 -25.76 -22.71
N PHE B 237 -35.72 -25.48 -21.83
CA PHE B 237 -34.31 -25.84 -22.01
C PHE B 237 -34.13 -27.34 -21.82
N THR B 238 -34.83 -28.11 -22.63
CA THR B 238 -34.85 -29.56 -22.45
C THR B 238 -33.48 -30.17 -22.70
N ASN B 239 -32.73 -29.60 -23.64
CA ASN B 239 -31.40 -30.12 -23.91
C ASN B 239 -30.46 -29.88 -22.74
N SER B 240 -30.57 -28.69 -22.11
CA SER B 240 -29.67 -28.26 -21.05
C SER B 240 -30.01 -28.89 -19.71
N LEU B 241 -31.31 -28.95 -19.38
CA LEU B 241 -31.75 -29.47 -18.08
C LEU B 241 -31.36 -30.93 -17.87
N ARG B 242 -31.37 -31.71 -18.96
CA ARG B 242 -31.02 -33.12 -18.86
C ARG B 242 -29.57 -33.34 -18.46
N MET B 243 -28.65 -32.63 -19.12
CA MET B 243 -27.24 -32.70 -18.77
C MET B 243 -26.92 -32.02 -17.45
N LEU B 244 -27.74 -31.06 -16.99
CA LEU B 244 -27.56 -30.58 -15.60
C LEU B 244 -27.91 -31.66 -14.60
N GLN B 245 -28.90 -32.51 -14.90
CA GLN B 245 -29.24 -33.58 -13.95
C GLN B 245 -28.18 -34.68 -13.95
N GLN B 246 -27.47 -34.84 -15.07
CA GLN B 246 -26.39 -35.79 -15.29
C GLN B 246 -25.04 -35.23 -14.82
N LYS B 247 -25.04 -34.11 -14.11
CA LYS B 247 -23.90 -33.53 -13.44
C LYS B 247 -22.84 -33.01 -14.42
N ARG B 248 -23.15 -32.96 -15.72
CA ARG B 248 -22.18 -32.51 -16.74
C ARG B 248 -22.30 -31.00 -16.92
N TRP B 249 -21.43 -30.25 -16.22
CA TRP B 249 -21.66 -28.80 -16.12
C TRP B 249 -21.15 -28.06 -17.35
N ASP B 250 -19.98 -28.43 -17.85
CA ASP B 250 -19.40 -27.66 -18.94
C ASP B 250 -20.15 -27.85 -20.26
N GLU B 251 -20.54 -29.09 -20.57
CA GLU B 251 -21.34 -29.32 -21.77
C GLU B 251 -22.60 -28.48 -21.73
N ALA B 252 -23.27 -28.43 -20.57
CA ALA B 252 -24.44 -27.57 -20.37
C ALA B 252 -24.10 -26.11 -20.51
N ALA B 253 -22.93 -25.70 -20.04
CA ALA B 253 -22.56 -24.29 -20.06
C ALA B 253 -22.40 -23.79 -21.48
N VAL B 254 -21.78 -24.61 -22.34
CA VAL B 254 -21.68 -24.19 -23.73
C VAL B 254 -23.03 -24.34 -24.41
N ASN B 255 -23.88 -25.23 -23.89
CA ASN B 255 -25.22 -25.36 -24.46
C ASN B 255 -26.05 -24.12 -24.19
N LEU B 256 -25.97 -23.56 -22.97
CA LEU B 256 -26.82 -22.43 -22.59
C LEU B 256 -26.40 -21.10 -23.21
N ALA B 257 -25.20 -21.02 -23.78
CA ALA B 257 -24.81 -19.82 -24.54
C ALA B 257 -25.51 -19.78 -25.90
N LYS B 258 -25.89 -20.94 -26.43
CA LYS B 258 -26.47 -21.07 -27.75
C LYS B 258 -27.96 -20.77 -27.63
N SER B 259 -28.31 -19.94 -26.65
CA SER B 259 -29.71 -19.72 -26.33
C SER B 259 -30.18 -18.34 -26.75
N ARG B 260 -31.51 -18.23 -26.80
CA ARG B 260 -32.16 -16.94 -26.93
C ARG B 260 -31.89 -16.12 -25.67
N TRP B 261 -31.93 -16.78 -24.52
CA TRP B 261 -31.72 -16.10 -23.24
C TRP B 261 -30.35 -15.48 -23.18
N TYR B 262 -29.37 -16.15 -23.77
CA TYR B 262 -28.02 -15.61 -23.74
C TYR B 262 -27.89 -14.40 -24.66
N ASN B 263 -28.50 -14.44 -25.82
CA ASN B 263 -28.39 -13.28 -26.70
C ASN B 263 -29.31 -12.15 -26.31
N GLN B 264 -30.28 -12.38 -25.42
CA GLN B 264 -31.26 -11.35 -25.06
C GLN B 264 -30.74 -10.47 -23.93
N THR B 265 -30.20 -11.09 -22.91
CA THR B 265 -29.66 -10.39 -21.74
C THR B 265 -28.35 -11.08 -21.43
N PRO B 266 -27.25 -10.62 -22.03
CA PRO B 266 -26.05 -11.46 -22.04
C PRO B 266 -25.33 -11.34 -20.70
N ASN B 267 -25.36 -10.15 -20.12
CA ASN B 267 -24.61 -9.91 -18.89
C ASN B 267 -25.20 -10.72 -17.74
N ARG B 268 -26.52 -10.79 -17.64
CA ARG B 268 -27.14 -11.60 -16.60
C ARG B 268 -26.90 -13.08 -16.86
N ALA B 269 -26.95 -13.47 -18.13
CA ALA B 269 -26.81 -14.88 -18.49
C ALA B 269 -25.40 -15.37 -18.27
N LYS B 270 -24.40 -14.54 -18.51
CA LYS B 270 -23.02 -14.93 -18.26
C LYS B 270 -22.85 -15.28 -16.78
N ARG B 271 -23.40 -14.44 -15.91
CA ARG B 271 -23.37 -14.70 -14.47
C ARG B 271 -24.07 -16.02 -14.13
N VAL B 272 -25.27 -16.21 -14.65
CA VAL B 272 -26.03 -17.38 -14.26
C VAL B 272 -25.43 -18.66 -14.85
N ILE B 273 -24.92 -18.59 -16.08
CA ILE B 273 -24.33 -19.79 -16.65
C ILE B 273 -23.02 -20.10 -15.96
N THR B 274 -22.27 -19.08 -15.53
CA THR B 274 -21.08 -19.34 -14.73
C THR B 274 -21.46 -20.06 -13.44
N THR B 275 -22.54 -19.62 -12.79
CA THR B 275 -22.97 -20.27 -11.56
C THR B 275 -23.36 -21.74 -11.81
N PHE B 276 -24.10 -22.03 -12.88
CA PHE B 276 -24.34 -23.44 -13.23
C PHE B 276 -23.02 -24.20 -13.46
N ARG B 277 -22.05 -23.57 -14.13
CA ARG B 277 -20.89 -24.28 -14.60
C ARG B 277 -19.95 -24.59 -13.46
N THR B 278 -19.81 -23.65 -12.51
CA THR B 278 -18.86 -23.71 -11.41
C THR B 278 -19.50 -24.12 -10.10
N GLY B 279 -20.74 -23.71 -9.86
CA GLY B 279 -21.38 -23.89 -8.58
C GLY B 279 -21.00 -22.85 -7.56
N THR B 280 -20.46 -21.69 -7.98
CA THR B 280 -20.06 -20.66 -7.02
C THR B 280 -20.75 -19.34 -7.37
N TRP B 281 -20.54 -18.32 -6.52
CA TRP B 281 -21.10 -16.98 -6.74
C TRP B 281 -20.11 -16.03 -7.41
N ASP B 282 -19.03 -16.56 -8.00
CA ASP B 282 -17.91 -15.77 -8.52
C ASP B 282 -18.38 -14.68 -9.46
N ALA B 283 -19.37 -14.99 -10.31
CA ALA B 283 -19.91 -14.12 -11.36
C ALA B 283 -20.71 -12.97 -10.79
N TYR B 284 -20.77 -12.89 -9.45
CA TYR B 284 -21.46 -11.85 -8.70
C TYR B 284 -20.51 -11.16 -7.75
N SER B 285 -19.25 -11.52 -7.84
CA SER B 285 -18.22 -11.14 -6.89
C SER B 285 -17.39 -10.05 -7.56
N GLU B 286 -17.49 -8.82 -7.02
CA GLU B 286 -16.65 -7.69 -7.41
C GLU B 286 -15.16 -8.07 -7.46
N GLN B 287 -14.42 -7.46 -8.40
CA GLN B 287 -13.00 -7.75 -8.58
C GLN B 287 -12.08 -7.01 -7.61
N TRP B 288 -12.55 -5.91 -7.02
CA TRP B 288 -11.72 -5.19 -6.09
C TRP B 288 -11.82 -5.73 -4.69
N ILE B 289 -12.82 -6.55 -4.44
CA ILE B 289 -12.95 -7.19 -3.13
C ILE B 289 -11.89 -8.24 -2.91
N PHE B 290 -11.69 -9.14 -3.88
CA PHE B 290 -10.57 -10.05 -3.83
C PHE B 290 -9.27 -9.28 -3.71
N ARG B 291 -9.20 -8.09 -4.34
CA ARG B 291 -8.03 -7.21 -4.20
C ARG B 291 -7.88 -6.71 -2.77
N LEU B 292 -8.97 -6.43 -2.08
CA LEU B 292 -8.94 -6.11 -0.65
C LEU B 292 -8.58 -7.31 0.24
N TYR B 293 -8.85 -8.53 -0.20
CA TYR B 293 -8.34 -9.70 0.51
C TYR B 293 -6.86 -9.98 0.24
N VAL B 294 -6.41 -9.89 -1.02
CA VAL B 294 -4.99 -10.12 -1.29
C VAL B 294 -4.20 -8.98 -0.62
N SER B 295 -4.86 -7.84 -0.43
CA SER B 295 -4.40 -6.73 0.38
C SER B 295 -4.39 -7.06 1.87
N ILE B 296 -5.41 -7.73 2.40
CA ILE B 296 -5.37 -8.06 3.83
C ILE B 296 -4.44 -9.25 4.10
N GLY B 297 -4.58 -10.32 3.31
CA GLY B 297 -3.69 -11.49 3.33
C GLY B 297 -2.22 -11.21 3.07
N TRP B 298 -1.87 -10.09 2.44
CA TRP B 298 -0.44 -9.84 2.36
C TRP B 298 -0.03 -8.46 2.88
N GLY B 299 -0.87 -7.44 2.68
CA GLY B 299 -0.66 -6.05 3.07
C GLY B 299 -0.69 -5.72 4.56
N VAL B 300 -1.83 -5.80 5.23
CA VAL B 300 -1.87 -5.72 6.73
C VAL B 300 -0.66 -6.42 7.35
N PRO B 301 -0.34 -7.70 7.03
CA PRO B 301 0.91 -8.27 7.54
C PRO B 301 2.14 -7.40 7.27
N LEU B 302 2.29 -6.85 6.08
CA LEU B 302 3.39 -5.92 5.85
C LEU B 302 3.31 -4.74 6.81
N LEU B 303 2.12 -4.23 7.05
CA LEU B 303 1.88 -3.02 7.81
C LEU B 303 2.25 -3.16 9.26
N PHE B 304 2.20 -4.36 9.82
CA PHE B 304 2.61 -4.50 11.20
C PHE B 304 3.89 -5.31 11.38
N VAL B 305 4.19 -6.26 10.49
CA VAL B 305 5.53 -6.88 10.47
C VAL B 305 6.66 -5.85 10.40
N VAL B 306 6.65 -4.92 9.42
CA VAL B 306 7.93 -4.26 9.17
C VAL B 306 8.33 -3.27 10.28
N PRO B 307 7.47 -2.37 10.79
CA PRO B 307 7.94 -1.51 11.89
C PRO B 307 8.52 -2.27 13.09
N TRP B 308 8.01 -3.49 13.36
CA TRP B 308 8.58 -4.48 14.28
C TRP B 308 10.04 -4.67 13.93
N GLY B 309 10.32 -5.16 12.72
CA GLY B 309 11.67 -5.41 12.26
C GLY B 309 12.53 -4.16 12.15
N ILE B 310 11.95 -3.02 12.47
CA ILE B 310 12.71 -1.78 12.54
C ILE B 310 13.07 -1.41 13.97
N VAL B 311 12.11 -1.48 14.88
CA VAL B 311 12.48 -1.33 16.28
C VAL B 311 13.30 -2.53 16.79
N LYS B 312 13.17 -3.70 16.13
CA LYS B 312 13.86 -4.94 16.45
C LYS B 312 15.25 -4.96 15.89
N TYR B 313 15.62 -3.87 15.29
CA TYR B 313 16.94 -3.65 14.74
C TYR B 313 17.52 -2.39 15.31
N LEU B 314 16.70 -1.42 15.65
CA LEU B 314 17.24 -0.20 16.21
C LEU B 314 17.35 -0.27 17.70
N TYR B 315 16.42 -0.94 18.33
CA TYR B 315 16.37 -0.95 19.79
C TYR B 315 16.33 -2.34 20.39
N GLU B 316 16.23 -3.38 19.59
CA GLU B 316 16.15 -4.72 20.15
C GLU B 316 16.82 -5.72 19.23
N ASP B 317 18.01 -5.43 18.71
CA ASP B 317 18.72 -6.48 17.96
C ASP B 317 19.54 -7.33 18.93
N GLU B 318 19.21 -8.61 19.03
CA GLU B 318 20.02 -9.59 19.77
C GLU B 318 19.67 -11.01 19.36
N GLY B 319 20.59 -11.70 18.66
CA GLY B 319 20.43 -13.12 18.38
C GLY B 319 19.19 -13.53 17.58
N CYS B 320 19.15 -13.11 16.31
CA CYS B 320 18.04 -13.21 15.35
C CYS B 320 16.78 -12.58 15.89
N TRP B 321 16.87 -11.85 16.99
CA TRP B 321 15.71 -11.35 17.71
C TRP B 321 14.93 -12.49 18.36
N THR B 322 15.66 -13.52 18.82
CA THR B 322 15.09 -14.46 19.77
C THR B 322 14.63 -13.73 21.01
N ARG B 323 15.55 -12.98 21.66
CA ARG B 323 15.30 -12.37 22.98
C ARG B 323 14.17 -11.36 22.81
N ASN B 324 12.99 -11.91 22.54
CA ASN B 324 11.76 -11.16 22.38
C ASN B 324 11.12 -10.99 23.76
N SER B 325 11.84 -10.27 24.62
CA SER B 325 11.31 -9.87 25.92
C SER B 325 12.08 -8.63 26.34
N ASN B 326 11.60 -7.45 25.97
CA ASN B 326 12.15 -6.30 26.67
C ASN B 326 11.06 -5.31 26.98
N MET B 327 10.48 -4.81 25.90
CA MET B 327 9.61 -3.64 25.89
C MET B 327 8.42 -3.92 25.00
N ASN B 328 7.69 -2.84 24.68
CA ASN B 328 6.42 -2.84 23.95
C ASN B 328 6.47 -3.56 22.57
N TYR B 329 7.67 -3.98 22.12
CA TYR B 329 7.87 -4.33 20.71
C TYR B 329 7.37 -5.74 20.37
N TRP B 330 7.25 -6.62 21.37
CA TRP B 330 6.53 -7.88 21.17
C TRP B 330 5.07 -7.59 20.83
N LEU B 331 4.45 -6.68 21.58
CA LEU B 331 3.02 -6.43 21.55
C LEU B 331 2.53 -5.92 20.21
N ILE B 332 3.41 -5.65 19.25
CA ILE B 332 2.99 -5.07 17.99
C ILE B 332 2.96 -6.11 16.89
N ILE B 333 3.44 -7.32 17.14
CA ILE B 333 3.20 -8.42 16.21
C ILE B 333 2.19 -9.43 16.78
N ARG B 334 1.80 -9.25 18.05
CA ARG B 334 0.88 -10.14 18.72
C ARG B 334 -0.53 -9.56 18.76
N LEU B 335 -0.67 -8.24 19.02
CA LEU B 335 -1.98 -7.62 19.07
C LEU B 335 -2.71 -7.65 17.74
N PRO B 336 -2.04 -7.39 16.62
CA PRO B 336 -2.73 -7.51 15.33
C PRO B 336 -2.94 -8.94 14.84
N ILE B 337 -2.37 -9.97 15.45
CA ILE B 337 -2.87 -11.33 15.22
C ILE B 337 -3.98 -11.68 16.18
N LEU B 338 -3.86 -11.24 17.42
CA LEU B 338 -4.92 -11.49 18.41
C LEU B 338 -6.22 -10.90 17.92
N PHE B 339 -6.15 -9.67 17.41
CA PHE B 339 -7.28 -9.01 16.79
C PHE B 339 -7.88 -9.88 15.69
N ALA B 340 -7.06 -10.42 14.78
CA ALA B 340 -7.60 -11.30 13.75
C ALA B 340 -8.37 -12.48 14.36
N CYS B 341 -7.87 -13.00 15.45
CA CYS B 341 -8.36 -14.25 16.02
C CYS B 341 -9.72 -14.06 16.68
N ILE B 342 -9.84 -13.05 17.56
CA ILE B 342 -11.15 -12.63 18.02
C ILE B 342 -12.13 -12.58 16.86
N VAL B 343 -11.79 -11.86 15.79
CA VAL B 343 -12.81 -11.75 14.76
C VAL B 343 -13.02 -13.10 14.12
N ASN B 344 -11.97 -13.90 13.87
CA ASN B 344 -12.22 -15.25 13.36
C ASN B 344 -13.12 -16.05 14.30
N PHE B 345 -12.92 -15.93 15.62
CA PHE B 345 -13.82 -16.64 16.51
C PHE B 345 -15.22 -16.05 16.50
N LEU B 346 -15.35 -14.72 16.48
CA LEU B 346 -16.68 -14.17 16.27
C LEU B 346 -17.26 -14.67 14.94
N ILE B 347 -16.47 -14.60 13.87
CA ILE B 347 -16.95 -15.13 12.58
C ILE B 347 -17.23 -16.58 12.74
N PHE B 348 -16.50 -17.24 13.62
CA PHE B 348 -16.77 -18.64 13.91
C PHE B 348 -18.15 -18.80 14.57
N VAL B 349 -18.37 -18.09 15.68
CA VAL B 349 -19.62 -18.21 16.42
C VAL B 349 -20.80 -17.95 15.50
N ARG B 350 -20.82 -16.74 14.97
CA ARG B 350 -21.79 -16.30 14.00
C ARG B 350 -22.01 -17.39 12.97
N VAL B 351 -20.97 -17.90 12.30
CA VAL B 351 -21.22 -18.82 11.18
C VAL B 351 -21.96 -20.06 11.65
N ILE B 352 -21.93 -20.36 12.93
CA ILE B 352 -22.69 -21.50 13.42
C ILE B 352 -24.17 -21.14 13.50
N CYS B 353 -24.49 -20.06 14.22
CA CYS B 353 -25.87 -19.56 14.26
C CYS B 353 -26.54 -19.70 12.91
N ILE B 354 -25.82 -19.32 11.85
CA ILE B 354 -26.38 -19.34 10.50
C ILE B 354 -26.56 -20.76 10.01
N VAL B 355 -25.49 -21.57 10.02
CA VAL B 355 -25.60 -22.92 9.43
C VAL B 355 -26.70 -23.75 10.07
N VAL B 356 -26.76 -23.79 11.41
CA VAL B 356 -27.83 -24.52 12.05
C VAL B 356 -29.17 -24.05 11.51
N SER B 357 -29.36 -22.73 11.45
CA SER B 357 -30.61 -22.15 10.98
C SER B 357 -30.87 -22.52 9.53
N LYS B 358 -29.81 -22.60 8.71
CA LYS B 358 -30.03 -22.96 7.32
C LYS B 358 -30.26 -24.47 7.15
N LEU B 359 -29.72 -25.31 8.04
CA LEU B 359 -29.94 -26.76 7.91
C LEU B 359 -31.35 -27.15 8.40
N LYS B 360 -31.78 -26.58 9.52
CA LYS B 360 -33.07 -26.85 10.12
C LYS B 360 -34.20 -26.44 9.18
N ALA B 361 -34.11 -25.24 8.60
CA ALA B 361 -35.19 -24.73 7.79
C ALA B 361 -35.20 -25.30 6.37
N ASN B 362 -34.58 -26.46 6.18
CA ASN B 362 -34.34 -27.21 4.94
C ASN B 362 -33.55 -26.41 3.91
N LEU B 363 -32.90 -25.32 4.33
CA LEU B 363 -32.28 -24.31 3.47
C LEU B 363 -30.87 -24.69 3.02
N MET B 364 -30.32 -25.81 3.48
CA MET B 364 -28.96 -26.20 3.11
C MET B 364 -28.69 -27.67 3.42
N CYS B 365 -28.51 -28.49 2.39
CA CYS B 365 -28.25 -29.91 2.62
C CYS B 365 -26.77 -30.09 2.88
N LYS B 366 -26.41 -31.21 3.52
CA LYS B 366 -25.04 -31.44 4.00
C LYS B 366 -24.07 -31.85 2.87
N THR B 367 -24.58 -31.91 1.64
CA THR B 367 -23.81 -32.16 0.42
C THR B 367 -23.32 -30.87 -0.26
N ASP B 368 -23.86 -29.72 0.13
CA ASP B 368 -23.54 -28.41 -0.44
C ASP B 368 -22.11 -27.98 -0.11
N ILE B 369 -21.59 -27.01 -0.88
CA ILE B 369 -20.28 -26.42 -0.54
C ILE B 369 -20.36 -25.58 0.72
N ALA B 370 -21.18 -24.54 0.76
CA ALA B 370 -21.31 -23.69 1.95
C ALA B 370 -21.15 -24.48 3.26
N PHE B 371 -21.88 -25.60 3.37
CA PHE B 371 -21.76 -26.50 4.50
C PHE B 371 -20.40 -27.18 4.54
N ARG B 372 -19.93 -27.75 3.42
CA ARG B 372 -18.66 -28.48 3.47
C ARG B 372 -17.46 -27.53 3.72
N LEU B 373 -17.50 -26.36 3.13
CA LEU B 373 -16.57 -25.31 3.52
C LEU B 373 -16.67 -25.03 5.01
N ALA B 374 -17.85 -24.63 5.51
CA ALA B 374 -17.97 -24.29 6.93
C ALA B 374 -17.48 -25.47 7.78
N LYS B 375 -17.68 -26.69 7.27
CA LYS B 375 -17.05 -27.89 7.80
C LYS B 375 -15.54 -27.68 8.07
N SER B 376 -14.78 -27.53 6.97
CA SER B 376 -13.32 -27.34 7.00
C SER B 376 -12.90 -26.06 7.71
N THR B 377 -13.53 -24.94 7.36
CA THR B 377 -13.08 -23.64 7.84
C THR B 377 -13.32 -23.49 9.34
N LEU B 378 -14.51 -23.95 9.81
CA LEU B 378 -14.87 -24.00 11.21
C LEU B 378 -13.98 -24.96 11.98
N THR B 379 -13.42 -25.97 11.31
CA THR B 379 -12.28 -26.69 11.86
C THR B 379 -11.08 -25.79 12.06
N LEU B 380 -10.59 -25.17 10.97
CA LEU B 380 -9.29 -24.50 11.03
C LEU B 380 -9.27 -23.30 11.98
N ILE B 381 -10.41 -22.63 12.18
CA ILE B 381 -10.38 -21.44 13.06
C ILE B 381 -10.00 -21.83 14.49
N PRO B 382 -10.77 -22.72 15.16
CA PRO B 382 -10.30 -23.32 16.42
C PRO B 382 -8.91 -23.92 16.37
N LEU B 383 -8.51 -24.44 15.22
CA LEU B 383 -7.27 -25.20 15.15
C LEU B 383 -6.07 -24.25 15.27
N LEU B 384 -6.13 -23.17 14.51
CA LEU B 384 -5.08 -22.19 14.37
C LEU B 384 -5.16 -21.10 15.44
N CYS B 385 -6.34 -20.48 15.59
CA CYS B 385 -6.56 -19.27 16.40
C CYS B 385 -6.77 -19.52 17.89
N THR B 386 -7.06 -20.76 18.26
CA THR B 386 -7.37 -21.12 19.63
C THR B 386 -6.23 -20.76 20.59
N HIS B 387 -5.04 -21.30 20.34
CA HIS B 387 -3.86 -21.01 21.13
C HIS B 387 -3.73 -19.51 21.35
N GLU B 388 -3.74 -18.75 20.25
CA GLU B 388 -3.55 -17.32 20.34
C GLU B 388 -4.51 -16.70 21.32
N VAL B 389 -5.76 -17.20 21.34
CA VAL B 389 -6.77 -16.59 22.20
C VAL B 389 -6.56 -17.00 23.64
N ILE B 390 -6.28 -18.29 23.86
CA ILE B 390 -6.01 -18.81 25.20
C ILE B 390 -4.93 -18.01 25.87
N PHE B 391 -3.77 -18.00 25.25
CA PHE B 391 -2.58 -17.42 25.83
C PHE B 391 -2.43 -16.01 25.32
N ALA B 392 -3.29 -15.10 25.73
CA ALA B 392 -3.40 -13.89 24.93
C ALA B 392 -2.45 -12.80 25.42
N PHE B 393 -2.28 -12.64 26.73
CA PHE B 393 -1.27 -11.69 27.21
C PHE B 393 -0.18 -12.43 27.97
N VAL B 394 0.39 -13.44 27.32
CA VAL B 394 1.50 -14.22 27.86
C VAL B 394 2.72 -13.99 26.97
N MET B 395 3.86 -13.67 27.60
CA MET B 395 5.07 -13.38 26.83
C MET B 395 5.89 -14.64 26.61
N ARG B 404 8.25 -26.34 31.64
CA ARG B 404 8.03 -25.73 30.35
C ARG B 404 8.44 -26.67 29.24
N PHE B 405 8.99 -27.81 29.65
CA PHE B 405 9.53 -28.77 28.69
C PHE B 405 8.40 -29.45 27.92
N ILE B 406 7.34 -29.87 28.61
CA ILE B 406 6.47 -30.93 28.10
C ILE B 406 5.54 -30.44 26.99
N LYS B 407 5.08 -29.18 27.06
CA LYS B 407 4.10 -28.60 26.12
C LYS B 407 4.74 -28.14 24.80
N LEU B 408 5.97 -27.63 24.91
CA LEU B 408 6.76 -27.10 23.80
C LEU B 408 6.76 -28.18 22.72
N PHE B 409 7.33 -29.34 23.09
CA PHE B 409 7.44 -30.53 22.27
C PHE B 409 6.16 -30.73 21.48
N THR B 410 5.02 -30.59 22.16
CA THR B 410 3.71 -31.02 21.66
C THR B 410 3.04 -30.00 20.76
N GLU B 411 3.38 -28.73 20.92
CA GLU B 411 2.86 -27.72 20.01
C GLU B 411 3.55 -27.82 18.66
N LEU B 412 4.89 -27.94 18.69
CA LEU B 412 5.71 -27.96 17.48
C LEU B 412 5.28 -29.11 16.56
N SER B 413 4.46 -30.01 17.08
CA SER B 413 3.82 -31.09 16.32
C SER B 413 2.57 -30.60 15.56
N PHE B 414 1.73 -29.83 16.25
CA PHE B 414 0.52 -29.35 15.60
C PHE B 414 0.92 -28.36 14.54
N THR B 415 1.51 -27.23 14.93
CA THR B 415 1.92 -26.28 13.90
C THR B 415 2.74 -26.88 12.78
N SER B 416 3.59 -27.85 13.07
CA SER B 416 4.37 -28.44 11.98
C SER B 416 3.48 -29.14 10.98
N PHE B 417 2.46 -29.85 11.47
CA PHE B 417 1.51 -30.50 10.56
C PHE B 417 0.39 -29.56 10.05
N GLN B 418 0.28 -28.38 10.65
CA GLN B 418 -0.78 -27.42 10.47
C GLN B 418 -1.08 -27.33 8.99
N GLY B 419 -0.01 -27.32 8.19
CA GLY B 419 -0.16 -27.21 6.74
C GLY B 419 -0.55 -28.49 6.02
N LEU B 420 -0.15 -29.65 6.54
CA LEU B 420 -0.65 -30.90 5.93
C LEU B 420 -2.17 -31.02 6.16
N MET B 421 -2.63 -30.63 7.36
CA MET B 421 -4.06 -30.60 7.69
C MET B 421 -4.82 -29.67 6.76
N VAL B 422 -4.35 -28.43 6.64
CA VAL B 422 -4.89 -27.50 5.66
C VAL B 422 -5.02 -28.17 4.29
N ALA B 423 -3.92 -28.71 3.76
CA ALA B 423 -3.95 -29.42 2.48
C ALA B 423 -5.05 -30.48 2.45
N ILE B 424 -5.13 -31.31 3.51
CA ILE B 424 -6.12 -32.39 3.59
C ILE B 424 -7.54 -31.86 3.52
N LEU B 425 -7.93 -31.13 4.56
CA LEU B 425 -9.24 -30.54 4.66
C LEU B 425 -9.61 -29.77 3.40
N TYR B 426 -8.75 -28.83 3.02
CA TYR B 426 -9.03 -27.94 1.89
C TYR B 426 -8.58 -28.49 0.57
N CYS B 427 -8.02 -29.71 0.50
CA CYS B 427 -7.96 -30.25 -0.86
C CYS B 427 -8.29 -31.73 -1.01
N PHE B 428 -7.67 -32.58 -0.20
CA PHE B 428 -7.68 -34.02 -0.47
C PHE B 428 -9.06 -34.65 -0.24
N VAL B 429 -9.76 -34.22 0.80
CA VAL B 429 -11.09 -34.74 1.15
C VAL B 429 -12.19 -33.95 0.46
N ASN B 430 -11.85 -32.85 -0.20
CA ASN B 430 -12.80 -32.16 -1.05
C ASN B 430 -13.39 -33.14 -2.06
N ASN B 431 -14.70 -33.00 -2.32
CA ASN B 431 -15.34 -33.94 -3.21
C ASN B 431 -15.00 -33.64 -4.67
N GLU B 432 -15.14 -32.36 -5.05
CA GLU B 432 -14.94 -31.91 -6.43
C GLU B 432 -13.62 -32.39 -7.01
N VAL B 433 -12.55 -32.35 -6.19
CA VAL B 433 -11.21 -32.76 -6.62
C VAL B 433 -11.12 -34.26 -6.84
N GLN B 434 -11.83 -35.04 -6.01
CA GLN B 434 -11.88 -36.48 -6.19
C GLN B 434 -12.66 -36.83 -7.45
N LEU B 435 -13.71 -36.04 -7.72
CA LEU B 435 -14.43 -36.12 -8.99
C LEU B 435 -13.49 -35.88 -10.16
N GLU B 436 -12.62 -34.88 -10.04
CA GLU B 436 -11.70 -34.57 -11.12
C GLU B 436 -10.75 -35.74 -11.37
N PHE B 437 -10.26 -36.36 -10.29
CA PHE B 437 -9.36 -37.50 -10.45
C PHE B 437 -10.04 -38.63 -11.19
N ARG B 438 -11.26 -39.01 -10.75
CA ARG B 438 -11.94 -40.15 -11.35
C ARG B 438 -12.35 -39.89 -12.80
N LYS B 439 -12.80 -38.66 -13.10
CA LYS B 439 -13.16 -38.28 -14.47
C LYS B 439 -11.96 -38.40 -15.42
N SER B 440 -10.76 -37.94 -14.97
CA SER B 440 -9.58 -38.06 -15.83
C SER B 440 -9.15 -39.53 -15.97
N TRP B 441 -9.27 -40.31 -14.88
CA TRP B 441 -8.97 -41.74 -14.99
C TRP B 441 -9.88 -42.43 -15.99
N GLU B 442 -11.11 -41.93 -16.13
CA GLU B 442 -12.01 -42.47 -17.14
C GLU B 442 -11.58 -42.06 -18.53
N ARG B 443 -11.13 -40.80 -18.67
CA ARG B 443 -10.62 -40.30 -19.95
C ARG B 443 -9.40 -41.07 -20.43
N TRP B 444 -8.68 -41.74 -19.52
CA TRP B 444 -7.50 -42.51 -19.92
C TRP B 444 -7.88 -43.84 -20.55
N ARG B 445 -8.75 -44.62 -19.88
CA ARG B 445 -9.20 -45.90 -20.43
C ARG B 445 -9.84 -45.69 -21.79
N LEU B 446 -10.66 -44.63 -21.92
CA LEU B 446 -11.25 -44.26 -23.20
C LEU B 446 -10.22 -43.50 -24.04
C13 97Y C . 3.52 10.95 11.22
C15 97Y C . 1.13 10.35 10.89
C17 97Y C . 4.35 12.19 11.63
C20 97Y C . 5.49 9.50 10.55
C21 97Y C . 12.01 5.48 10.61
C22 97Y C . 9.79 6.84 10.51
C24 97Y C . 7.27 9.04 12.04
C26 97Y C . 5.01 12.93 10.67
C28 97Y C . 6.09 9.73 11.78
F01 97Y C . 13.11 5.57 11.43
F02 97Y C . 11.63 4.17 10.52
F03 97Y C . 12.33 5.95 9.37
O04 97Y C . 6.99 15.80 13.88
O05 97Y C . 8.97 18.96 9.59
O06 97Y C . 10.50 19.62 11.00
N07 97Y C . 9.05 7.49 11.39
N08 97Y C . 4.26 10.19 10.20
N09 97Y C . 10.73 6.67 12.46
N10 97Y C . 7.21 8.01 9.94
N11 97Y C . 6.98 16.66 11.76
C12 97Y C . 2.22 11.38 10.68
C14 97Y C . 0.36 11.35 11.72
C16 97Y C . 1.49 12.34 11.60
C18 97Y C . 10.88 6.31 11.20
C19 97Y C . 7.82 8.19 11.10
C23 97Y C . 9.62 7.38 12.58
C25 97Y C . 4.43 12.57 12.96
C27 97Y C . 6.09 8.64 9.65
C29 97Y C . -0.91 11.83 11.02
C30 97Y C . 0.14 10.89 13.15
C31 97Y C . 5.82 14.42 12.36
C32 97Y C . 5.16 13.68 13.32
C33 97Y C . 5.74 14.05 11.02
C34 97Y C . 6.64 15.66 12.76
C35 97Y C . 7.76 17.82 12.14
C36 97Y C . 9.19 17.69 11.64
C37 97Y C . 9.58 18.82 10.69
C13 97Y D . -14.48 -33.17 10.50
C15 97Y D . -12.87 -32.89 12.42
C17 97Y D . -14.52 -33.10 8.97
C20 97Y D . -16.48 -31.66 10.98
C21 97Y D . -22.92 -27.76 12.14
C22 97Y D . -20.67 -29.18 11.62
C24 97Y D . -18.78 -32.17 10.61
C26 97Y D . -14.16 -31.91 8.36
C28 97Y D . -17.43 -32.55 10.55
F01 97Y D . -23.67 -27.39 11.10
F02 97Y D . -23.75 -28.13 13.10
F03 97Y D . -22.09 -26.79 12.52
O04 97Y D . -15.04 -33.84 4.15
O05 97Y D . -14.20 -29.05 2.18
O06 97Y D . -15.87 -29.02 0.69
N07 97Y D . -20.49 -30.38 11.23
N08 97Y D . -15.07 -31.95 10.97
N09 97Y D . -22.59 -30.09 11.34
N10 97Y D . -18.13 -30.13 11.52
N11 97Y D . -14.34 -31.68 3.99
C12 97Y D . -13.08 -33.00 10.91
C14 97Y D . -11.75 -33.90 12.30
C16 97Y D . -12.20 -34.23 10.90
C18 97Y D . -22.11 -28.96 11.72
C19 97Y D . -19.11 -30.90 11.12
C23 97Y D . -21.65 -30.95 11.08
C25 97Y D . -14.91 -34.21 8.27
C27 97Y D . -16.84 -30.42 11.47
C29 97Y D . -10.36 -33.28 12.39
C30 97Y D . -11.88 -35.08 13.27
C31 97Y D . -14.60 -32.93 6.27
C32 97Y D . -14.95 -34.12 6.88
C33 97Y D . -14.18 -31.81 6.99
C34 97Y D . -14.67 -32.91 4.75
C35 97Y D . -14.43 -31.80 2.54
C36 97Y D . -15.58 -31.01 1.96
C37 97Y D . -15.19 -29.59 1.59
#